data_4QN4
#
_entry.id   4QN4
#
_cell.length_a   138.139
_cell.length_b   138.139
_cell.length_c   150.016
_cell.angle_alpha   90.00
_cell.angle_beta   90.00
_cell.angle_gamma   90.00
#
_symmetry.space_group_name_H-M   'P 4 21 2'
#
loop_
_entity.id
_entity.type
_entity.pdbx_description
1 polymer Neuraminidase
2 branched beta-D-mannopyranose-(1-4)-2-acetamido-2-deoxy-beta-D-glucopyranose-(1-4)-2-acetamido-2-deoxy-beta-D-glucopyranose
3 branched alpha-D-mannopyranose-(1-3)-[alpha-D-mannopyranose-(1-6)]alpha-D-mannopyranose-(1-6)-beta-D-mannopyranose-(1-4)-2-acetamido-2-deoxy-beta-D-glucopyranose-(1-4)-2-acetamido-2-deoxy-beta-D-glucopyranose
4 non-polymer 'CALCIUM ION'
5 non-polymer (4S)-2-METHYL-2,4-PENTANEDIOL
6 non-polymer GLYCEROL
7 water water
#
_entity_poly.entity_id   1
_entity_poly.type   'polypeptide(L)'
_entity_poly.pdbx_seq_one_letter_code
;EFGTFLNLTKPLCEVSSWHILSKDNAIRIGEDAHILVTREPYLSCDPQGCRMFALSQGTTLRGRHANGTIHDRSPFRALI
SWEMGQAPSPYNVRVECIGWSSTSCHDGISRMSICMSGPNNNASAVVWYGGRPVTEIPSWAGNILRTQESECVCHKGICP
VVMTDGPANNRAATKIIYFKEGKIQKIEELAGNAQHIEECSCYGAVGVIKCVCRDNWKGANRPVITIDPEMMTHTSKYLC
SKILTDTSRPNDPTNGNCDAPITGGSPDPGVKGFAFLDGENSWLGRTISKDSRSGYEMLKVPNAETDTQSGPISHQVIVN
NQNWSGYSGAFIDYWANKECFNPCFYVELIRGRPKESSVLWTSNSIVALCGSKERLGSWSWHDGAEIIYFK
;
_entity_poly.pdbx_strand_id   A,B
#
loop_
_chem_comp.id
_chem_comp.type
_chem_comp.name
_chem_comp.formula
BMA D-saccharide, beta linking beta-D-mannopyranose 'C6 H12 O6'
CA non-polymer 'CALCIUM ION' 'Ca 2'
GOL non-polymer GLYCEROL 'C3 H8 O3'
MAN D-saccharide, alpha linking alpha-D-mannopyranose 'C6 H12 O6'
MPD non-polymer (4S)-2-METHYL-2,4-PENTANEDIOL 'C6 H14 O2'
NAG D-saccharide, beta linking 2-acetamido-2-deoxy-beta-D-glucopyranose 'C8 H15 N O6'
#
# COMPACT_ATOMS: atom_id res chain seq x y z
N GLY A 3 19.24 -6.19 49.93
CA GLY A 3 19.06 -4.92 49.24
C GLY A 3 18.56 -3.82 50.15
N THR A 4 18.66 -2.58 49.68
CA THR A 4 18.12 -1.44 50.40
C THR A 4 17.52 -0.48 49.38
N PHE A 5 16.56 0.35 49.79
CA PHE A 5 15.93 1.29 48.85
C PHE A 5 16.95 2.26 48.28
N LEU A 6 16.90 2.45 46.96
CA LEU A 6 17.68 3.48 46.30
C LEU A 6 17.26 4.86 46.76
N ASN A 7 18.24 5.67 47.17
CA ASN A 7 18.02 7.08 47.43
C ASN A 7 18.77 7.89 46.39
N LEU A 8 18.10 8.89 45.81
CA LEU A 8 18.71 9.69 44.76
C LEU A 8 19.59 10.77 45.37
N THR A 9 20.68 10.35 46.02
CA THR A 9 21.49 11.29 46.76
C THR A 9 22.54 11.99 45.91
N LYS A 10 22.87 11.42 44.76
CA LYS A 10 23.99 11.89 43.97
C LYS A 10 23.60 12.93 42.92
N PRO A 11 24.54 13.81 42.55
CA PRO A 11 24.29 14.75 41.45
C PRO A 11 24.45 14.04 40.11
N LEU A 12 24.01 14.68 39.04
CA LEU A 12 24.19 14.14 37.70
C LEU A 12 25.65 14.33 37.26
N CYS A 13 26.23 13.33 36.61
CA CYS A 13 27.59 13.48 36.10
C CYS A 13 27.66 14.56 35.02
N GLU A 14 28.79 15.24 34.94
CA GLU A 14 29.04 16.13 33.82
C GLU A 14 29.27 15.30 32.56
N VAL A 15 28.74 15.76 31.43
CA VAL A 15 28.82 15.01 30.17
C VAL A 15 29.33 15.90 29.04
N SER A 16 30.43 15.48 28.40
CA SER A 16 30.97 16.19 27.24
C SER A 16 30.70 15.46 25.92
N SER A 17 30.55 14.13 26.01
CA SER A 17 30.24 13.33 24.82
C SER A 17 29.60 12.03 25.27
N TRP A 18 29.27 11.16 24.31
CA TRP A 18 28.56 9.93 24.62
C TRP A 18 29.32 8.70 24.13
N HIS A 19 29.48 7.72 25.02
CA HIS A 19 30.20 6.49 24.69
C HIS A 19 29.22 5.34 24.48
N ILE A 20 29.61 4.36 23.67
CA ILE A 20 28.72 3.24 23.38
C ILE A 20 28.57 2.35 24.61
N LEU A 21 27.33 2.03 24.97
CA LEU A 21 27.07 1.13 26.09
C LEU A 21 26.68 -0.25 25.58
N SER A 22 25.69 -0.29 24.69
CA SER A 22 25.21 -1.58 24.18
C SER A 22 24.55 -1.43 22.82
N LYS A 23 24.51 -2.51 22.05
CA LYS A 23 23.78 -2.53 20.78
C LYS A 23 23.44 -3.99 20.57
N ASP A 24 22.19 -4.30 20.24
CA ASP A 24 21.83 -5.72 20.13
C ASP A 24 21.79 -6.26 18.71
N ASN A 25 21.78 -5.38 17.71
CA ASN A 25 21.75 -5.82 16.31
C ASN A 25 20.65 -6.84 16.03
N ALA A 26 19.49 -6.61 16.66
CA ALA A 26 18.42 -7.62 16.65
C ALA A 26 17.89 -7.94 15.26
N ILE A 27 17.78 -6.93 14.39
CA ILE A 27 17.21 -7.16 13.06
C ILE A 27 18.19 -7.95 12.19
N ARG A 28 19.47 -7.57 12.22
CA ARG A 28 20.51 -8.31 11.50
C ARG A 28 20.49 -9.77 11.92
N ILE A 29 20.53 -10.00 13.22
CA ILE A 29 20.57 -11.37 13.73
C ILE A 29 19.26 -12.10 13.43
N GLY A 30 18.14 -11.41 13.57
CA GLY A 30 16.82 -12.00 13.43
C GLY A 30 16.42 -12.35 12.02
N GLU A 31 17.23 -11.91 11.05
CA GLU A 31 17.03 -12.33 9.66
C GLU A 31 17.17 -13.85 9.54
N ASP A 32 17.93 -14.47 10.45
CA ASP A 32 18.18 -15.92 10.42
C ASP A 32 18.37 -16.56 11.80
N ALA A 33 17.76 -15.98 12.81
CA ALA A 33 17.76 -16.61 14.13
C ALA A 33 16.37 -16.35 14.67
N HIS A 34 16.02 -16.97 15.78
CA HIS A 34 14.67 -16.83 16.28
C HIS A 34 14.59 -15.63 17.22
N ILE A 35 14.25 -14.48 16.64
CA ILE A 35 14.25 -13.22 17.37
C ILE A 35 12.83 -12.67 17.36
N LEU A 36 12.34 -12.25 18.54
CA LEU A 36 10.99 -11.74 18.65
C LEU A 36 10.84 -10.39 17.98
N VAL A 37 9.69 -10.18 17.34
CA VAL A 37 9.32 -8.83 16.89
C VAL A 37 9.01 -8.00 18.11
N THR A 38 9.53 -6.77 18.14
CA THR A 38 9.31 -5.88 19.27
C THR A 38 9.03 -4.47 18.75
N ARG A 39 8.73 -3.57 19.68
CA ARG A 39 8.87 -2.13 19.47
C ARG A 39 8.82 -1.49 20.86
N GLU A 40 9.02 -0.18 20.94
CA GLU A 40 9.02 0.54 22.22
C GLU A 40 10.00 -0.05 23.25
N PRO A 41 11.28 -0.14 22.87
CA PRO A 41 12.27 -0.72 23.78
C PRO A 41 12.75 0.31 24.79
N TYR A 42 13.46 -0.16 25.79
CA TYR A 42 14.18 0.70 26.71
C TYR A 42 15.19 -0.11 27.51
N LEU A 43 15.88 0.53 28.44
CA LEU A 43 16.74 -0.21 29.35
C LEU A 43 16.45 0.21 30.77
N SER A 44 16.73 -0.68 31.71
CA SER A 44 16.54 -0.35 33.12
C SER A 44 17.51 -1.21 33.91
N CYS A 45 18.10 -0.63 34.94
CA CYS A 45 19.14 -1.30 35.69
C CYS A 45 18.65 -1.68 37.08
N ASP A 46 19.43 -2.52 37.75
CA ASP A 46 19.14 -2.91 39.13
C ASP A 46 20.51 -3.10 39.79
N PRO A 47 20.55 -3.44 41.09
CA PRO A 47 21.88 -3.55 41.73
C PRO A 47 22.85 -4.52 41.04
N GLN A 48 22.34 -5.50 40.29
CA GLN A 48 23.19 -6.52 39.66
C GLN A 48 23.66 -6.15 38.26
N GLY A 49 22.88 -5.35 37.56
CA GLY A 49 23.27 -4.95 36.22
C GLY A 49 22.13 -4.29 35.48
N CYS A 50 22.28 -4.15 34.17
CA CYS A 50 21.26 -3.49 33.36
C CYS A 50 20.65 -4.49 32.40
N ARG A 51 19.38 -4.28 32.08
CA ARG A 51 18.68 -5.16 31.15
C ARG A 51 17.99 -4.36 30.07
N MET A 52 17.76 -5.02 28.92
CA MET A 52 16.96 -4.43 27.86
C MET A 52 15.50 -4.83 28.05
N PHE A 53 14.58 -3.95 27.65
CA PHE A 53 13.14 -4.17 27.77
C PHE A 53 12.49 -3.77 26.46
N ALA A 54 11.37 -4.39 26.12
CA ALA A 54 10.59 -3.95 24.95
C ALA A 54 9.22 -4.59 25.00
N LEU A 55 8.33 -4.13 24.14
CA LEU A 55 7.04 -4.77 24.00
C LEU A 55 7.12 -5.77 22.86
N SER A 56 7.09 -7.06 23.21
CA SER A 56 7.03 -8.12 22.21
C SER A 56 5.72 -8.03 21.43
N GLN A 57 5.73 -8.54 20.21
CA GLN A 57 4.50 -8.72 19.43
C GLN A 57 4.05 -10.18 19.40
N GLY A 58 4.72 -11.04 20.15
CA GLY A 58 4.28 -12.43 20.26
C GLY A 58 4.46 -13.23 18.98
N THR A 59 5.57 -12.99 18.29
CA THR A 59 5.91 -13.69 17.08
C THR A 59 7.39 -13.43 16.82
N THR A 60 8.05 -14.32 16.09
CA THR A 60 9.41 -14.04 15.64
C THR A 60 9.39 -13.17 14.39
N LEU A 61 10.54 -12.58 14.09
CA LEU A 61 10.66 -11.63 12.99
C LEU A 61 10.46 -12.27 11.61
N ARG A 62 11.05 -13.46 11.43
CA ARG A 62 10.91 -14.20 10.17
C ARG A 62 9.61 -14.97 10.12
N GLY A 63 8.89 -15.04 11.23
CA GLY A 63 7.67 -15.83 11.28
C GLY A 63 6.57 -15.18 10.46
N ARG A 64 5.61 -15.98 10.00
CA ARG A 64 4.50 -15.42 9.24
C ARG A 64 3.63 -14.45 10.04
N HIS A 65 3.60 -14.63 11.36
CA HIS A 65 2.80 -13.75 12.20
C HIS A 65 3.42 -12.36 12.38
N ALA A 66 4.61 -12.14 11.83
CA ALA A 66 5.20 -10.80 11.85
C ALA A 66 4.38 -9.89 10.93
N ASN A 67 3.65 -10.49 10.00
CA ASN A 67 2.79 -9.74 9.09
C ASN A 67 1.71 -9.03 9.91
N GLY A 68 1.71 -7.70 9.84
CA GLY A 68 0.70 -6.92 10.54
C GLY A 68 1.17 -6.29 11.84
N THR A 69 2.46 -6.43 12.15
CA THR A 69 2.97 -5.93 13.43
C THR A 69 3.17 -4.42 13.48
N ILE A 70 2.79 -3.70 12.43
CA ILE A 70 2.68 -2.25 12.55
C ILE A 70 1.66 -1.87 13.62
N HIS A 71 0.66 -2.73 13.84
CA HIS A 71 -0.39 -2.40 14.79
C HIS A 71 0.13 -2.37 16.23
N ASP A 72 -0.31 -1.38 17.01
CA ASP A 72 0.26 -1.14 18.34
C ASP A 72 -0.32 -2.03 19.44
N ARG A 73 -1.62 -2.32 19.34
CA ARG A 73 -2.31 -2.99 20.45
C ARG A 73 -2.94 -4.31 20.05
N SER A 74 -2.54 -5.39 20.73
CA SER A 74 -3.13 -6.70 20.47
C SER A 74 -3.03 -7.50 21.77
N PRO A 75 -3.78 -8.62 21.87
CA PRO A 75 -3.66 -9.48 23.05
C PRO A 75 -2.39 -10.32 23.02
N PHE A 76 -1.53 -10.10 22.03
CA PHE A 76 -0.35 -10.96 21.87
C PHE A 76 0.94 -10.25 22.28
N ARG A 77 0.80 -9.03 22.78
CA ARG A 77 1.97 -8.26 23.23
C ARG A 77 2.26 -8.46 24.71
N ALA A 78 3.52 -8.24 25.10
CA ALA A 78 3.93 -8.39 26.49
C ALA A 78 5.18 -7.59 26.72
N LEU A 79 5.38 -7.13 27.93
CA LEU A 79 6.66 -6.53 28.29
C LEU A 79 7.66 -7.64 28.56
N ILE A 80 8.75 -7.64 27.81
CA ILE A 80 9.81 -8.61 27.99
C ILE A 80 11.09 -7.91 28.40
N SER A 81 11.93 -8.58 29.19
CA SER A 81 13.26 -8.09 29.48
C SER A 81 14.28 -9.17 29.22
N TRP A 82 15.51 -8.75 28.96
CA TRP A 82 16.58 -9.70 28.66
C TRP A 82 17.94 -9.11 28.97
N GLU A 83 18.95 -9.96 29.03
CA GLU A 83 20.30 -9.53 29.36
C GLU A 83 20.81 -8.51 28.35
N MET A 84 21.31 -7.39 28.86
CA MET A 84 21.73 -6.28 28.00
C MET A 84 22.72 -6.71 26.93
N GLY A 85 22.40 -6.44 25.68
CA GLY A 85 23.32 -6.72 24.59
C GLY A 85 22.92 -7.90 23.73
N GLN A 86 22.26 -8.89 24.34
CA GLN A 86 21.67 -9.97 23.56
C GLN A 86 20.51 -9.40 22.78
N ALA A 87 20.10 -10.09 21.73
CA ALA A 87 18.85 -9.78 21.02
C ALA A 87 17.72 -10.59 21.68
N PRO A 88 16.48 -10.09 21.61
CA PRO A 88 15.37 -10.77 22.31
C PRO A 88 14.86 -11.99 21.54
N SER A 89 14.93 -13.17 22.16
CA SER A 89 14.47 -14.40 21.53
C SER A 89 13.42 -15.04 22.42
N PRO A 90 12.64 -15.99 21.88
CA PRO A 90 11.69 -16.72 22.74
C PRO A 90 12.42 -17.48 23.84
N TYR A 91 13.72 -17.69 23.67
CA TYR A 91 14.47 -18.55 24.58
C TYR A 91 15.17 -17.79 25.73
N ASN A 92 15.34 -16.48 25.59
CA ASN A 92 16.14 -15.75 26.57
C ASN A 92 15.39 -14.62 27.29
N VAL A 93 14.11 -14.44 27.01
CA VAL A 93 13.39 -13.32 27.61
C VAL A 93 12.63 -13.68 28.87
N ARG A 94 12.53 -12.69 29.75
CA ARG A 94 11.67 -12.78 30.94
C ARG A 94 10.40 -11.99 30.64
N VAL A 95 9.24 -12.62 30.79
CA VAL A 95 7.99 -11.90 30.59
C VAL A 95 7.65 -11.16 31.89
N GLU A 96 7.69 -9.83 31.83
CA GLU A 96 7.48 -8.98 33.01
C GLU A 96 6.01 -8.79 33.33
N CYS A 97 5.21 -8.63 32.29
CA CYS A 97 3.75 -8.46 32.41
C CYS A 97 3.16 -8.49 30.99
N ILE A 98 1.83 -8.56 30.90
CA ILE A 98 1.18 -8.73 29.60
C ILE A 98 0.47 -7.45 29.23
N GLY A 99 0.68 -6.98 28.00
CA GLY A 99 0.05 -5.76 27.55
C GLY A 99 0.79 -5.00 26.47
N TRP A 100 0.30 -3.80 26.15
CA TRP A 100 0.77 -3.04 24.99
C TRP A 100 1.27 -1.62 25.32
N SER A 101 1.47 -1.36 26.60
CA SER A 101 2.11 -0.11 27.05
C SER A 101 2.75 -0.46 28.39
N SER A 102 3.94 0.06 28.67
CA SER A 102 4.63 -0.37 29.89
C SER A 102 5.57 0.66 30.51
N THR A 103 5.93 0.40 31.76
CA THR A 103 7.08 1.03 32.37
C THR A 103 7.65 0.03 33.36
N SER A 104 8.87 0.26 33.81
CA SER A 104 9.48 -0.63 34.80
C SER A 104 10.59 0.12 35.51
N CYS A 105 10.81 -0.19 36.79
CA CYS A 105 11.96 0.36 37.50
C CYS A 105 12.24 -0.47 38.76
N HIS A 106 13.49 -0.45 39.20
CA HIS A 106 13.89 -1.21 40.39
C HIS A 106 14.09 -0.23 41.54
N ASP A 107 13.55 -0.53 42.72
CA ASP A 107 13.61 0.42 43.81
C ASP A 107 14.82 0.22 44.70
N GLY A 108 15.71 -0.69 44.31
CA GLY A 108 16.86 -1.04 45.12
C GLY A 108 16.68 -2.39 45.75
N ILE A 109 15.42 -2.77 45.95
CA ILE A 109 15.11 -4.07 46.54
C ILE A 109 14.48 -5.01 45.50
N SER A 110 13.40 -4.57 44.87
CA SER A 110 12.74 -5.37 43.84
C SER A 110 12.32 -4.51 42.67
N ARG A 111 11.99 -5.17 41.56
CA ARG A 111 11.55 -4.47 40.36
C ARG A 111 10.04 -4.33 40.31
N MET A 112 9.58 -3.12 39.97
CA MET A 112 8.17 -2.90 39.68
C MET A 112 8.01 -2.82 38.17
N SER A 113 7.06 -3.57 37.63
CA SER A 113 6.76 -3.51 36.20
C SER A 113 5.27 -3.31 36.01
N ILE A 114 4.90 -2.44 35.07
CA ILE A 114 3.49 -2.14 34.84
C ILE A 114 3.15 -2.30 33.38
N CYS A 115 2.04 -2.98 33.07
CA CYS A 115 1.59 -3.17 31.70
C CYS A 115 0.11 -2.82 31.59
N MET A 116 -0.25 -2.05 30.57
CA MET A 116 -1.66 -1.86 30.24
C MET A 116 -2.09 -2.82 29.14
N SER A 117 -3.31 -3.34 29.27
CA SER A 117 -3.86 -4.20 28.23
C SER A 117 -5.36 -3.98 28.12
N GLY A 118 -5.97 -4.60 27.12
CA GLY A 118 -7.40 -4.53 26.95
C GLY A 118 -7.83 -3.71 25.75
N PRO A 119 -9.16 -3.57 25.58
CA PRO A 119 -9.71 -2.80 24.46
C PRO A 119 -9.54 -1.30 24.70
N ASN A 120 -9.60 -0.50 23.65
CA ASN A 120 -9.35 0.93 23.77
C ASN A 120 -10.25 1.58 24.82
N ASN A 121 -11.50 1.14 24.90
CA ASN A 121 -12.46 1.83 25.77
C ASN A 121 -12.51 1.29 27.20
N ASN A 122 -11.65 0.32 27.52
CA ASN A 122 -11.76 -0.35 28.80
C ASN A 122 -10.44 -1.03 29.17
N ALA A 123 -9.33 -0.31 28.99
CA ALA A 123 -8.02 -0.87 29.28
C ALA A 123 -7.79 -0.89 30.80
N SER A 124 -6.78 -1.63 31.24
CA SER A 124 -6.42 -1.64 32.65
C SER A 124 -4.94 -1.87 32.81
N ALA A 125 -4.38 -1.33 33.88
CA ALA A 125 -2.98 -1.55 34.19
C ALA A 125 -2.87 -2.63 35.26
N VAL A 126 -1.88 -3.51 35.12
CA VAL A 126 -1.53 -4.41 36.21
C VAL A 126 -0.12 -4.07 36.63
N VAL A 127 0.03 -3.83 37.93
CA VAL A 127 1.30 -3.43 38.53
C VAL A 127 1.91 -4.64 39.22
N TRP A 128 3.13 -5.00 38.79
CA TRP A 128 3.85 -6.14 39.37
C TRP A 128 4.98 -5.65 40.25
N TYR A 129 5.29 -6.40 41.30
CA TYR A 129 6.42 -6.07 42.15
C TYR A 129 7.07 -7.36 42.64
N GLY A 130 8.38 -7.47 42.43
CA GLY A 130 9.08 -8.70 42.75
C GLY A 130 8.54 -9.90 41.98
N GLY A 131 8.07 -9.65 40.76
CA GLY A 131 7.65 -10.73 39.88
C GLY A 131 6.24 -11.24 40.13
N ARG A 132 5.50 -10.54 40.97
CA ARG A 132 4.12 -10.91 41.30
C ARG A 132 3.19 -9.71 41.11
N PRO A 133 1.96 -9.94 40.63
CA PRO A 133 1.01 -8.84 40.49
C PRO A 133 0.53 -8.35 41.85
N VAL A 134 0.46 -7.04 42.06
CA VAL A 134 0.06 -6.52 43.38
C VAL A 134 -1.07 -5.50 43.33
N THR A 135 -1.24 -4.82 42.20
CA THR A 135 -2.24 -3.75 42.09
C THR A 135 -2.83 -3.75 40.68
N GLU A 136 -4.13 -3.49 40.57
CA GLU A 136 -4.75 -3.30 39.26
C GLU A 136 -5.44 -1.94 39.21
N ILE A 137 -5.37 -1.28 38.06
CA ILE A 137 -5.94 0.06 37.90
C ILE A 137 -6.81 0.12 36.65
N PRO A 138 -8.12 0.36 36.81
CA PRO A 138 -8.96 0.46 35.62
C PRO A 138 -8.81 1.81 34.93
N SER A 139 -9.05 1.83 33.62
CA SER A 139 -9.09 3.07 32.84
C SER A 139 -10.01 4.08 33.49
N TRP A 140 -9.56 5.34 33.57
CA TRP A 140 -10.39 6.39 34.16
C TRP A 140 -11.09 7.26 33.12
N ALA A 141 -10.66 7.20 31.87
CA ALA A 141 -11.21 8.06 30.82
C ALA A 141 -11.67 7.27 29.60
N GLY A 142 -11.56 5.95 29.65
CA GLY A 142 -12.09 5.10 28.59
C GLY A 142 -11.48 5.26 27.21
N ASN A 143 -10.20 5.61 27.16
CA ASN A 143 -9.54 5.83 25.88
C ASN A 143 -8.04 5.54 25.94
N ILE A 144 -7.71 4.25 25.91
CA ILE A 144 -6.33 3.76 25.85
C ILE A 144 -5.46 4.24 27.01
N LEU A 145 -5.79 3.78 28.22
CA LEU A 145 -4.91 4.02 29.37
C LEU A 145 -3.51 3.55 29.00
N ARG A 146 -2.50 4.38 29.23
CA ARG A 146 -1.16 4.10 28.73
C ARG A 146 -0.08 4.81 29.54
N THR A 147 1.17 4.45 29.34
CA THR A 147 2.22 4.98 30.20
C THR A 147 3.55 5.25 29.46
N GLN A 148 4.67 5.21 30.19
CA GLN A 148 5.91 5.85 29.74
C GLN A 148 6.64 5.24 28.53
N GLU A 149 6.66 3.91 28.44
CA GLU A 149 7.47 3.18 27.47
C GLU A 149 8.97 3.37 27.70
N SER A 150 9.34 3.77 28.90
CA SER A 150 10.73 3.67 29.37
C SER A 150 10.71 3.65 30.89
N GLU A 151 11.88 3.58 31.52
CA GLU A 151 11.92 3.29 32.95
C GLU A 151 11.38 4.42 33.80
N CYS A 152 10.74 4.02 34.90
CA CYS A 152 10.42 4.94 35.98
C CYS A 152 11.64 5.08 36.89
N VAL A 153 11.52 5.87 37.96
CA VAL A 153 12.66 6.14 38.84
C VAL A 153 12.15 6.09 40.27
N CYS A 154 12.96 5.56 41.18
CA CYS A 154 12.55 5.39 42.58
C CYS A 154 13.43 6.18 43.55
N HIS A 155 12.86 6.58 44.67
CA HIS A 155 13.59 7.32 45.71
C HIS A 155 12.99 6.96 47.08
N LYS A 156 13.81 6.37 47.95
CA LYS A 156 13.35 5.94 49.28
C LYS A 156 12.13 5.03 49.22
N GLY A 157 12.05 4.20 48.18
CA GLY A 157 10.93 3.28 48.05
C GLY A 157 9.76 3.82 47.26
N ILE A 158 9.77 5.12 46.95
CA ILE A 158 8.68 5.73 46.19
C ILE A 158 9.03 5.84 44.70
N CYS A 159 8.19 5.25 43.85
CA CYS A 159 8.42 5.24 42.41
C CYS A 159 7.25 5.92 41.69
N PRO A 160 7.42 7.19 41.29
CA PRO A 160 6.35 7.86 40.55
C PRO A 160 6.26 7.35 39.12
N VAL A 161 5.05 7.25 38.59
CA VAL A 161 4.82 6.82 37.22
C VAL A 161 3.82 7.77 36.58
N VAL A 162 4.11 8.20 35.37
CA VAL A 162 3.20 9.09 34.65
C VAL A 162 2.32 8.26 33.72
N MET A 163 1.01 8.45 33.82
CA MET A 163 0.06 7.71 32.97
C MET A 163 -0.93 8.66 32.32
N THR A 164 -1.38 8.30 31.12
CA THR A 164 -2.38 9.10 30.41
C THR A 164 -3.56 8.23 29.96
N ASP A 165 -4.76 8.79 30.00
CA ASP A 165 -5.96 8.12 29.49
C ASP A 165 -6.78 9.22 28.82
N GLY A 166 -7.20 9.00 27.59
CA GLY A 166 -7.88 10.04 26.83
C GLY A 166 -7.36 10.16 25.41
N PRO A 167 -7.88 11.13 24.64
CA PRO A 167 -7.49 11.30 23.24
C PRO A 167 -5.99 11.51 23.04
N ALA A 168 -5.47 11.03 21.92
CA ALA A 168 -4.09 11.32 21.53
C ALA A 168 -3.98 12.66 20.81
N ASN A 169 -5.11 13.19 20.38
CA ASN A 169 -5.14 14.40 19.56
C ASN A 169 -6.01 15.51 20.15
N ASN A 170 -6.20 15.47 21.47
CA ASN A 170 -6.98 16.49 22.17
C ASN A 170 -6.61 16.39 23.63
N ARG A 171 -7.20 17.22 24.48
CA ARG A 171 -6.93 17.15 25.91
C ARG A 171 -7.24 15.75 26.46
N ALA A 172 -6.33 15.24 27.29
CA ALA A 172 -6.52 13.92 27.91
C ALA A 172 -6.38 14.05 29.42
N ALA A 173 -6.51 12.93 30.12
CA ALA A 173 -6.43 12.93 31.59
C ALA A 173 -5.19 12.21 32.04
N THR A 174 -4.18 12.98 32.42
CA THR A 174 -2.90 12.43 32.85
C THR A 174 -2.83 12.45 34.36
N LYS A 175 -2.25 11.39 34.94
CA LYS A 175 -2.07 11.32 36.39
C LYS A 175 -0.66 10.92 36.73
N ILE A 176 -0.18 11.38 37.88
CA ILE A 176 1.08 10.88 38.41
C ILE A 176 0.70 9.96 39.55
N ILE A 177 1.11 8.69 39.47
CA ILE A 177 0.80 7.75 40.54
C ILE A 177 2.06 7.36 41.28
N TYR A 178 2.03 7.50 42.60
CA TYR A 178 3.22 7.26 43.42
C TYR A 178 3.11 5.89 44.07
N PHE A 179 3.98 4.97 43.66
CA PHE A 179 3.95 3.59 44.15
C PHE A 179 5.00 3.29 45.21
N LYS A 180 4.68 2.39 46.13
CA LYS A 180 5.70 1.79 46.99
C LYS A 180 5.39 0.31 47.08
N GLU A 181 6.37 -0.51 46.71
CA GLU A 181 6.16 -1.95 46.61
C GLU A 181 4.95 -2.26 45.72
N GLY A 182 4.76 -1.43 44.69
CA GLY A 182 3.68 -1.62 43.73
C GLY A 182 2.32 -1.21 44.25
N LYS A 183 2.29 -0.64 45.46
CA LYS A 183 1.04 -0.19 46.06
C LYS A 183 0.90 1.33 45.96
N ILE A 184 -0.29 1.79 45.61
CA ILE A 184 -0.52 3.23 45.42
C ILE A 184 -0.46 3.98 46.76
N GLN A 185 0.44 4.97 46.83
CA GLN A 185 0.56 5.81 48.01
C GLN A 185 -0.21 7.11 47.82
N LYS A 186 -0.26 7.57 46.58
CA LYS A 186 -0.89 8.85 46.26
C LYS A 186 -1.14 8.93 44.76
N ILE A 187 -2.21 9.63 44.39
CA ILE A 187 -2.52 9.90 42.99
C ILE A 187 -2.71 11.39 42.79
N GLU A 188 -1.99 11.97 41.83
CA GLU A 188 -2.18 13.38 41.49
C GLU A 188 -2.68 13.53 40.06
N GLU A 189 -3.63 14.45 39.83
CA GLU A 189 -3.94 14.85 38.47
C GLU A 189 -2.76 15.68 37.97
N LEU A 190 -2.48 15.58 36.68
CA LEU A 190 -1.44 16.41 36.07
C LEU A 190 -1.72 17.88 36.36
N ALA A 191 -0.70 18.58 36.83
CA ALA A 191 -0.78 20.02 37.05
C ALA A 191 0.28 20.68 36.20
N GLY A 192 0.30 22.02 36.17
CA GLY A 192 1.29 22.74 35.42
C GLY A 192 0.77 23.19 34.07
N ASN A 193 1.69 23.56 33.19
CA ASN A 193 1.32 24.15 31.90
C ASN A 193 1.38 23.21 30.71
N ALA A 194 1.92 22.02 30.91
CA ALA A 194 1.93 21.03 29.82
C ALA A 194 0.49 20.74 29.40
N GLN A 195 0.21 20.85 28.10
CA GLN A 195 -1.16 20.72 27.60
C GLN A 195 -1.57 19.28 27.29
N HIS A 196 -0.58 18.42 27.08
CA HIS A 196 -0.82 17.02 26.74
C HIS A 196 0.46 16.27 27.07
N ILE A 197 0.32 15.07 27.63
CA ILE A 197 1.47 14.29 28.09
C ILE A 197 1.40 12.85 27.58
N GLU A 198 2.45 12.43 26.87
CA GLU A 198 2.61 11.03 26.47
C GLU A 198 4.04 10.58 26.73
N GLU A 199 4.20 9.30 27.04
CA GLU A 199 5.52 8.65 26.90
C GLU A 199 6.70 9.36 27.58
N CYS A 200 6.53 9.67 28.85
CA CYS A 200 7.56 10.39 29.60
C CYS A 200 8.86 9.60 29.74
N SER A 201 9.99 10.28 29.54
CA SER A 201 11.31 9.71 29.77
C SER A 201 11.88 10.37 31.01
N CYS A 202 12.19 9.58 32.03
CA CYS A 202 12.52 10.13 33.36
C CYS A 202 13.87 9.70 33.91
N TYR A 203 14.50 10.57 34.70
CA TYR A 203 15.73 10.24 35.41
C TYR A 203 15.75 11.05 36.71
N GLY A 204 16.61 10.65 37.64
CA GLY A 204 16.67 11.33 38.92
C GLY A 204 18.08 11.69 39.38
N ALA A 205 18.16 12.69 40.24
CA ALA A 205 19.42 13.12 40.85
C ALA A 205 19.07 14.08 41.97
N VAL A 206 19.89 14.07 43.03
CA VAL A 206 19.69 14.93 44.21
C VAL A 206 18.23 15.13 44.63
N GLY A 207 17.51 14.02 44.73
CA GLY A 207 16.15 14.04 45.26
C GLY A 207 15.10 14.58 44.33
N VAL A 208 15.46 14.78 43.06
CA VAL A 208 14.52 15.29 42.06
C VAL A 208 14.36 14.26 40.95
N ILE A 209 13.14 14.05 40.49
CA ILE A 209 12.92 13.25 39.27
C ILE A 209 12.39 14.16 38.18
N LYS A 210 13.02 14.10 37.01
CA LYS A 210 12.62 14.97 35.90
C LYS A 210 12.20 14.11 34.72
N CYS A 211 11.05 14.42 34.13
CA CYS A 211 10.54 13.64 33.01
C CYS A 211 10.39 14.55 31.80
N VAL A 212 10.88 14.11 30.64
CA VAL A 212 10.74 14.86 29.41
C VAL A 212 9.84 14.04 28.50
N CYS A 213 8.75 14.64 28.07
CA CYS A 213 7.67 13.85 27.48
C CYS A 213 7.33 14.26 26.06
N ARG A 214 6.16 13.80 25.61
CA ARG A 214 5.70 14.04 24.25
C ARG A 214 4.31 14.67 24.31
N ASP A 215 4.17 15.88 23.76
CA ASP A 215 2.87 16.53 23.61
C ASP A 215 2.36 16.14 22.23
N ASN A 216 1.41 15.21 22.18
CA ASN A 216 0.94 14.72 20.88
C ASN A 216 -0.15 15.61 20.28
N TRP A 217 -0.62 16.58 21.05
CA TRP A 217 -1.75 17.40 20.64
C TRP A 217 -1.31 18.69 19.95
N LYS A 218 -0.41 19.42 20.58
CA LYS A 218 -0.03 20.75 20.08
C LYS A 218 1.47 20.98 19.83
N GLY A 219 2.29 20.75 20.84
CA GLY A 219 3.65 21.29 20.83
C GLY A 219 4.74 20.47 20.19
N ALA A 220 5.62 21.15 19.48
CA ALA A 220 6.84 20.54 18.95
C ALA A 220 7.95 20.69 19.97
N ASN A 221 7.74 21.59 20.93
CA ASN A 221 8.59 21.61 22.12
C ASN A 221 8.05 20.57 23.09
N ARG A 222 8.95 19.93 23.84
CA ARG A 222 8.55 18.84 24.72
C ARG A 222 8.18 19.31 26.12
N PRO A 223 7.09 18.74 26.65
CA PRO A 223 6.74 18.97 28.05
C PRO A 223 7.83 18.44 29.00
N VAL A 224 8.03 19.14 30.11
CA VAL A 224 8.95 18.69 31.14
C VAL A 224 8.18 18.64 32.46
N ILE A 225 8.14 17.47 33.10
CA ILE A 225 7.50 17.33 34.40
C ILE A 225 8.61 17.16 35.44
N THR A 226 8.53 17.93 36.53
CA THR A 226 9.50 17.82 37.60
C THR A 226 8.79 17.32 38.85
N ILE A 227 9.30 16.23 39.41
CA ILE A 227 8.63 15.54 40.50
C ILE A 227 9.49 15.51 41.76
N ASP A 228 8.86 15.80 42.90
CA ASP A 228 9.49 15.62 44.20
C ASP A 228 8.93 14.33 44.77
N PRO A 229 9.73 13.27 44.77
CA PRO A 229 9.23 11.96 45.21
C PRO A 229 9.08 11.84 46.73
N GLU A 230 9.62 12.79 47.49
CA GLU A 230 9.42 12.78 48.95
C GLU A 230 8.08 13.42 49.33
N MET A 231 7.85 14.64 48.84
CA MET A 231 6.59 15.34 49.05
C MET A 231 5.48 14.77 48.17
N MET A 232 5.89 14.01 47.16
CA MET A 232 4.95 13.46 46.17
C MET A 232 4.12 14.57 45.52
N THR A 233 4.83 15.57 44.98
CA THR A 233 4.20 16.67 44.26
C THR A 233 4.98 16.91 42.96
N HIS A 234 4.40 17.69 42.07
CA HIS A 234 5.07 17.94 40.79
C HIS A 234 4.68 19.27 40.15
N THR A 235 5.47 19.68 39.16
CA THR A 235 5.17 20.82 38.32
C THR A 235 5.35 20.39 36.86
N SER A 236 4.79 21.14 35.92
CA SER A 236 5.05 20.87 34.51
C SER A 236 5.12 22.13 33.68
N LYS A 237 5.90 22.07 32.61
CA LYS A 237 6.07 23.20 31.71
C LYS A 237 6.55 22.64 30.38
N TYR A 238 7.04 23.51 29.50
CA TYR A 238 7.65 23.06 28.25
C TYR A 238 9.15 23.35 28.27
N LEU A 239 9.92 22.57 27.53
CA LEU A 239 11.34 22.86 27.36
C LEU A 239 11.49 24.23 26.72
N CYS A 240 12.18 25.14 27.40
CA CYS A 240 12.29 26.55 26.99
C CYS A 240 13.05 26.78 25.69
N SER A 241 14.06 25.96 25.43
CA SER A 241 14.98 26.21 24.33
C SER A 241 14.28 26.32 22.99
N LYS A 242 14.81 27.19 22.13
CA LYS A 242 14.36 27.31 20.75
C LYS A 242 14.70 26.06 19.95
N ILE A 243 15.59 25.23 20.49
CA ILE A 243 15.93 23.97 19.84
C ILE A 243 14.80 22.98 20.11
N LEU A 244 13.92 22.78 19.13
CA LEU A 244 12.73 21.96 19.31
C LEU A 244 13.10 20.51 19.10
N THR A 245 12.53 19.60 19.91
CA THR A 245 13.01 18.23 19.90
C THR A 245 11.97 17.14 19.67
N ASP A 246 10.72 17.52 19.45
CA ASP A 246 9.73 16.50 19.04
C ASP A 246 9.85 16.30 17.53
N THR A 247 9.12 15.31 17.01
CA THR A 247 9.06 15.06 15.57
C THR A 247 7.62 14.67 15.25
N SER A 248 6.95 15.36 14.31
CA SER A 248 7.52 16.40 13.46
C SER A 248 7.60 17.76 14.17
N ARG A 249 8.38 18.66 13.61
CA ARG A 249 8.55 19.98 14.20
C ARG A 249 8.83 20.97 13.08
N PRO A 250 8.57 22.25 13.32
CA PRO A 250 8.99 23.24 12.32
C PRO A 250 10.48 23.50 12.47
N ASN A 251 11.04 24.34 11.60
CA ASN A 251 12.39 24.83 11.80
C ASN A 251 12.48 25.50 13.16
N ASP A 252 13.63 25.39 13.81
CA ASP A 252 13.82 26.04 15.11
C ASP A 252 13.62 27.55 14.97
N PRO A 253 12.79 28.12 15.85
CA PRO A 253 12.56 29.58 15.83
C PRO A 253 13.68 30.32 16.52
N THR A 254 13.59 31.65 16.57
CA THR A 254 14.61 32.44 17.25
C THR A 254 14.46 32.36 18.77
N ASN A 255 13.25 32.06 19.23
CA ASN A 255 12.96 31.95 20.66
C ASN A 255 12.05 30.77 20.92
N GLY A 256 12.35 29.96 21.94
CA GLY A 256 11.45 28.90 22.35
C GLY A 256 10.38 29.43 23.28
N ASN A 257 9.62 28.53 23.90
CA ASN A 257 8.53 28.93 24.81
C ASN A 257 8.46 27.97 25.99
N CYS A 258 8.64 28.48 27.20
CA CYS A 258 8.59 27.66 28.42
C CYS A 258 7.16 27.34 28.83
N ASP A 259 6.23 28.18 28.42
CA ASP A 259 4.89 28.16 29.01
C ASP A 259 3.84 27.51 28.14
N ALA A 260 4.10 27.40 26.85
CA ALA A 260 3.06 27.03 25.91
C ALA A 260 3.64 26.24 24.76
N PRO A 261 2.81 25.41 24.11
CA PRO A 261 3.26 24.64 22.96
C PRO A 261 3.58 25.51 21.76
N ILE A 262 4.65 25.14 21.05
CA ILE A 262 4.97 25.74 19.75
C ILE A 262 4.46 24.78 18.70
N THR A 263 3.50 25.22 17.91
CA THR A 263 2.85 24.33 16.96
C THR A 263 3.57 24.36 15.62
N GLY A 264 3.21 23.43 14.74
CA GLY A 264 3.84 23.37 13.43
C GLY A 264 4.57 22.05 13.24
N GLY A 265 5.02 21.82 12.01
CA GLY A 265 5.63 20.55 11.70
C GLY A 265 4.61 19.63 11.06
N SER A 266 5.09 18.76 10.19
CA SER A 266 4.22 17.85 9.46
C SER A 266 5.12 16.69 9.01
N PRO A 267 4.58 15.46 8.96
CA PRO A 267 3.19 15.07 9.19
C PRO A 267 2.94 14.32 10.50
N ASP A 268 3.98 14.04 11.28
CA ASP A 268 3.86 13.22 12.49
C ASP A 268 3.47 14.09 13.69
N PRO A 269 2.51 13.64 14.50
CA PRO A 269 2.15 14.45 15.68
C PRO A 269 3.15 14.36 16.84
N GLY A 270 4.04 13.36 16.84
CA GLY A 270 5.01 13.25 17.92
C GLY A 270 5.81 11.96 17.92
N VAL A 271 6.84 11.92 18.76
CA VAL A 271 7.62 10.71 19.00
C VAL A 271 8.12 10.77 20.44
N LYS A 272 8.24 9.62 21.10
CA LYS A 272 8.84 9.61 22.43
C LYS A 272 10.29 10.09 22.34
N GLY A 273 10.68 10.95 23.28
CA GLY A 273 12.04 11.46 23.32
C GLY A 273 12.48 11.75 24.73
N PHE A 274 13.60 12.47 24.89
CA PHE A 274 14.14 12.69 26.22
C PHE A 274 15.12 13.86 26.21
N ALA A 275 15.51 14.29 27.40
CA ALA A 275 16.59 15.26 27.54
C ALA A 275 17.13 15.16 28.95
N PHE A 276 18.39 15.52 29.12
CA PHE A 276 18.95 15.67 30.47
C PHE A 276 19.15 17.15 30.70
N LEU A 277 18.51 17.65 31.77
CA LEU A 277 18.45 19.08 32.03
C LEU A 277 19.11 19.37 33.37
N ASP A 278 20.30 19.98 33.31
CA ASP A 278 21.10 20.21 34.50
C ASP A 278 21.92 21.49 34.30
N GLY A 279 21.24 22.61 34.09
CA GLY A 279 21.92 23.87 33.90
C GLY A 279 22.80 23.86 32.66
N GLU A 280 24.08 24.21 32.82
CA GLU A 280 25.00 24.20 31.68
C GLU A 280 25.20 22.78 31.17
N ASN A 281 25.05 21.81 32.05
CA ASN A 281 25.20 20.39 31.73
C ASN A 281 23.89 19.83 31.16
N SER A 282 23.41 20.41 30.07
CA SER A 282 22.12 20.00 29.50
C SER A 282 22.27 19.46 28.09
N TRP A 283 21.63 18.32 27.83
CA TRP A 283 21.73 17.66 26.52
C TRP A 283 20.36 17.29 26.01
N LEU A 284 20.08 17.69 24.77
CA LEU A 284 18.80 17.37 24.14
C LEU A 284 19.03 16.36 23.04
N GLY A 285 18.23 15.29 23.03
CA GLY A 285 18.23 14.38 21.90
C GLY A 285 17.10 14.75 20.96
N ARG A 286 17.26 14.46 19.67
CA ARG A 286 16.16 14.56 18.72
C ARG A 286 16.51 13.86 17.41
N THR A 287 15.49 13.54 16.61
CA THR A 287 15.75 13.00 15.28
C THR A 287 16.44 14.09 14.46
N ILE A 288 17.25 13.70 13.49
CA ILE A 288 17.91 14.70 12.65
C ILE A 288 16.89 15.35 11.70
N SER A 289 16.08 14.52 11.06
CA SER A 289 14.98 15.04 10.26
C SER A 289 13.96 15.75 11.15
N LYS A 290 13.48 16.92 10.70
CA LYS A 290 12.40 17.58 11.44
C LYS A 290 11.04 17.00 11.07
N ASP A 291 10.97 16.21 9.99
CA ASP A 291 9.70 15.67 9.51
C ASP A 291 9.43 14.24 9.99
N SER A 292 10.48 13.41 9.98
CA SER A 292 10.34 11.98 10.14
C SER A 292 11.32 11.38 11.14
N ARG A 293 11.04 10.15 11.54
CA ARG A 293 11.90 9.46 12.49
C ARG A 293 13.15 8.91 11.82
N SER A 294 14.01 9.82 11.35
CA SER A 294 15.27 9.42 10.75
C SER A 294 16.41 10.19 11.38
N GLY A 295 17.54 9.51 11.55
CA GLY A 295 18.69 10.11 12.20
C GLY A 295 18.48 10.32 13.68
N TYR A 296 19.57 10.53 14.41
CA TYR A 296 19.47 10.92 15.81
C TYR A 296 20.71 11.73 16.19
N GLU A 297 20.49 12.86 16.86
CA GLU A 297 21.61 13.71 17.26
C GLU A 297 21.47 14.10 18.72
N MET A 298 22.60 14.22 19.41
CA MET A 298 22.64 14.79 20.75
C MET A 298 23.21 16.20 20.67
N LEU A 299 22.53 17.14 21.33
CA LEU A 299 22.93 18.54 21.25
C LEU A 299 23.13 19.05 22.67
N LYS A 300 24.30 19.59 22.96
CA LYS A 300 24.51 20.17 24.27
C LYS A 300 24.02 21.61 24.21
N VAL A 301 22.97 21.88 24.98
CA VAL A 301 22.28 23.17 24.91
C VAL A 301 22.23 23.70 26.33
N PRO A 302 23.24 24.49 26.71
CA PRO A 302 23.35 24.97 28.10
C PRO A 302 22.09 25.73 28.50
N ASN A 303 21.57 25.42 29.68
CA ASN A 303 20.38 26.09 30.21
C ASN A 303 19.14 25.99 29.33
N ALA A 304 19.01 24.87 28.61
CA ALA A 304 17.83 24.61 27.79
C ALA A 304 16.53 24.71 28.59
N GLU A 305 16.61 24.43 29.88
CA GLU A 305 15.43 24.40 30.74
C GLU A 305 14.91 25.79 31.10
N THR A 306 15.72 26.83 30.93
CA THR A 306 15.29 28.19 31.29
C THR A 306 15.45 29.22 30.19
N ASP A 307 16.47 29.04 29.34
CA ASP A 307 16.84 30.04 28.33
C ASP A 307 16.15 29.81 26.98
N THR A 308 15.22 30.70 26.64
CA THR A 308 14.45 30.52 25.42
C THR A 308 15.27 30.74 24.16
N GLN A 309 16.46 31.33 24.31
CA GLN A 309 17.34 31.53 23.16
C GLN A 309 18.54 30.58 23.16
N SER A 310 18.54 29.61 24.06
CA SER A 310 19.66 28.69 24.16
C SER A 310 19.82 27.84 22.89
N GLY A 311 21.07 27.69 22.45
CA GLY A 311 21.36 26.86 21.29
C GLY A 311 22.51 25.92 21.57
N PRO A 312 22.84 25.05 20.59
CA PRO A 312 23.87 24.02 20.84
C PRO A 312 25.27 24.60 20.85
N ILE A 313 26.08 24.17 21.82
CA ILE A 313 27.51 24.49 21.84
C ILE A 313 28.33 23.29 21.40
N SER A 314 27.72 22.11 21.41
CA SER A 314 28.38 20.93 20.87
C SER A 314 27.35 19.93 20.36
N HIS A 315 27.78 18.97 19.55
CA HIS A 315 26.83 18.00 19.03
C HIS A 315 27.51 16.66 18.80
N GLN A 316 26.71 15.61 18.83
CA GLN A 316 27.20 14.29 18.46
C GLN A 316 26.13 13.56 17.70
N VAL A 317 26.45 13.13 16.48
CA VAL A 317 25.51 12.33 15.70
C VAL A 317 25.55 10.89 16.23
N ILE A 318 24.37 10.35 16.57
CA ILE A 318 24.25 9.01 17.11
C ILE A 318 23.83 8.04 16.01
N VAL A 319 22.92 8.52 15.16
CA VAL A 319 22.46 7.74 14.00
C VAL A 319 22.42 8.72 12.84
N ASN A 320 23.10 8.41 11.73
CA ASN A 320 23.11 9.38 10.63
C ASN A 320 21.74 9.52 9.98
N ASN A 321 21.53 10.60 9.24
CA ASN A 321 20.19 10.88 8.70
C ASN A 321 19.83 10.07 7.46
N GLN A 322 20.69 9.11 7.10
CA GLN A 322 20.35 8.16 6.05
C GLN A 322 19.78 6.87 6.65
N ASN A 323 19.55 6.88 7.96
CA ASN A 323 19.08 5.68 8.65
C ASN A 323 17.89 5.95 9.56
N TRP A 324 17.05 4.95 9.77
CA TRP A 324 15.84 5.14 10.56
C TRP A 324 16.12 5.14 12.05
N SER A 325 15.47 6.04 12.78
CA SER A 325 15.53 5.97 14.23
C SER A 325 14.15 5.58 14.76
N GLY A 326 13.65 6.30 15.75
CA GLY A 326 12.45 5.88 16.44
C GLY A 326 12.37 6.51 17.82
N TYR A 327 11.76 5.81 18.76
CA TYR A 327 11.67 6.30 20.13
C TYR A 327 13.05 6.42 20.75
N SER A 328 13.19 7.34 21.71
CA SER A 328 14.39 7.45 22.53
C SER A 328 13.99 7.75 23.96
N GLY A 329 14.81 7.32 24.91
CA GLY A 329 14.46 7.53 26.31
C GLY A 329 15.67 7.49 27.22
N ALA A 330 15.46 7.88 28.47
CA ALA A 330 16.53 7.99 29.45
C ALA A 330 16.55 6.81 30.39
N PHE A 331 17.74 6.45 30.84
CA PHE A 331 17.91 5.56 31.97
C PHE A 331 19.24 5.87 32.63
N ILE A 332 19.40 5.47 33.89
CA ILE A 332 20.67 5.63 34.58
C ILE A 332 20.96 4.37 35.39
N ASP A 333 22.21 3.92 35.38
CA ASP A 333 22.59 2.87 36.31
C ASP A 333 22.80 3.50 37.68
N TYR A 334 21.73 3.61 38.47
CA TYR A 334 21.83 4.25 39.77
C TYR A 334 22.70 3.49 40.78
N TRP A 335 23.13 2.28 40.40
CA TRP A 335 23.92 1.43 41.29
C TRP A 335 25.37 1.31 40.86
N ALA A 336 25.78 2.18 39.94
CA ALA A 336 27.16 2.20 39.48
C ALA A 336 28.11 2.62 40.59
N ASN A 337 29.36 2.20 40.49
CA ASN A 337 30.37 2.62 41.47
C ASN A 337 30.97 3.96 41.08
N LYS A 338 30.13 4.99 41.15
CA LYS A 338 30.52 6.34 40.75
C LYS A 338 29.95 7.32 41.77
N GLU A 339 30.61 8.48 41.91
CA GLU A 339 30.15 9.47 42.87
C GLU A 339 29.01 10.34 42.30
N CYS A 340 28.70 10.14 41.03
CA CYS A 340 27.60 10.84 40.39
C CYS A 340 26.77 9.85 39.58
N PHE A 341 25.52 10.21 39.30
CA PHE A 341 24.64 9.40 38.46
C PHE A 341 24.88 9.79 37.00
N ASN A 342 25.31 8.85 36.18
CA ASN A 342 25.69 9.15 34.80
C ASN A 342 24.55 8.96 33.82
N PRO A 343 24.18 10.05 33.10
CA PRO A 343 23.13 9.95 32.08
C PRO A 343 23.39 8.85 31.06
N CYS A 344 22.34 8.08 30.75
CA CYS A 344 22.38 7.14 29.63
C CYS A 344 21.10 7.32 28.83
N PHE A 345 21.13 6.91 27.57
CA PHE A 345 19.91 6.94 26.76
C PHE A 345 19.95 5.80 25.75
N TYR A 346 18.79 5.47 25.18
CA TYR A 346 18.76 4.50 24.10
C TYR A 346 18.06 5.16 22.91
N VAL A 347 18.32 4.62 21.72
CA VAL A 347 17.54 4.96 20.55
C VAL A 347 16.95 3.68 19.99
N GLU A 348 15.66 3.69 19.75
CA GLU A 348 14.98 2.60 19.06
C GLU A 348 15.22 2.76 17.57
N LEU A 349 15.69 1.70 16.91
CA LEU A 349 15.99 1.77 15.50
C LEU A 349 14.92 0.99 14.76
N ILE A 350 13.88 1.69 14.30
CA ILE A 350 12.71 1.03 13.74
C ILE A 350 12.96 0.62 12.31
N ARG A 351 12.64 -0.64 12.00
CA ARG A 351 12.73 -1.15 10.63
C ARG A 351 11.37 -1.68 10.21
N GLY A 352 11.10 -1.64 8.90
CA GLY A 352 9.83 -2.12 8.40
C GLY A 352 8.81 -1.01 8.28
N ARG A 353 7.53 -1.34 8.48
CA ARG A 353 6.45 -0.39 8.23
C ARG A 353 6.40 0.72 9.28
N PRO A 354 5.94 1.93 8.90
CA PRO A 354 5.42 2.28 7.57
C PRO A 354 6.46 2.79 6.60
N LYS A 355 7.66 3.12 7.08
CA LYS A 355 8.62 3.76 6.20
C LYS A 355 9.21 2.79 5.18
N GLU A 356 9.30 1.52 5.56
CA GLU A 356 9.78 0.48 4.65
C GLU A 356 8.67 -0.53 4.42
N SER A 357 7.72 -0.16 3.56
CA SER A 357 6.50 -0.93 3.43
C SER A 357 6.64 -2.06 2.41
N SER A 358 7.87 -2.28 1.94
CA SER A 358 8.14 -3.42 1.09
C SER A 358 8.26 -4.73 1.89
N VAL A 359 8.29 -4.62 3.21
CA VAL A 359 8.07 -5.80 4.07
C VAL A 359 6.74 -5.68 4.82
N LEU A 360 6.28 -6.79 5.40
CA LEU A 360 4.95 -6.82 6.02
C LEU A 360 4.97 -6.49 7.50
N TRP A 361 6.18 -6.38 8.08
CA TRP A 361 6.32 -6.26 9.53
C TRP A 361 6.87 -4.91 9.96
N THR A 362 6.80 -4.68 11.27
CA THR A 362 7.48 -3.56 11.91
C THR A 362 8.21 -4.10 13.14
N SER A 363 9.50 -3.79 13.27
CA SER A 363 10.21 -4.17 14.46
C SER A 363 11.32 -3.15 14.71
N ASN A 364 12.26 -3.49 15.58
CA ASN A 364 13.35 -2.56 15.86
C ASN A 364 14.57 -3.28 16.39
N SER A 365 15.69 -2.56 16.43
CA SER A 365 16.80 -2.98 17.26
C SER A 365 17.13 -1.84 18.23
N ILE A 366 18.12 -2.04 19.08
CA ILE A 366 18.43 -1.06 20.11
C ILE A 366 19.90 -0.61 20.07
N VAL A 367 20.14 0.67 20.31
CA VAL A 367 21.47 1.14 20.67
C VAL A 367 21.35 1.99 21.93
N ALA A 368 22.34 1.91 22.80
CA ALA A 368 22.31 2.64 24.05
C ALA A 368 23.69 3.22 24.31
N LEU A 369 23.73 4.44 24.83
CA LEU A 369 24.99 5.14 25.11
C LEU A 369 24.93 5.83 26.46
N CYS A 370 26.08 6.12 27.05
CA CYS A 370 26.13 6.84 28.31
C CYS A 370 27.13 7.99 28.24
N GLY A 371 27.04 8.91 29.20
CA GLY A 371 27.87 10.10 29.19
C GLY A 371 29.33 9.80 29.44
N SER A 372 30.19 10.64 28.85
CA SER A 372 31.60 10.63 29.15
C SER A 372 32.04 12.06 29.39
N LYS A 373 32.98 12.26 30.32
CA LYS A 373 33.59 13.57 30.53
C LYS A 373 34.64 13.83 29.46
N GLU A 374 35.09 12.77 28.79
CA GLU A 374 36.07 12.91 27.72
C GLU A 374 35.40 13.42 26.47
N ARG A 375 36.21 13.92 25.54
CA ARG A 375 35.70 14.31 24.22
C ARG A 375 35.96 13.14 23.27
N LEU A 376 34.99 12.24 23.16
CA LEU A 376 35.19 11.02 22.38
C LEU A 376 34.72 11.19 20.95
N GLY A 377 35.42 10.56 20.01
CA GLY A 377 34.96 10.53 18.64
C GLY A 377 33.67 9.75 18.52
N SER A 378 33.02 9.87 17.38
CA SER A 378 31.72 9.24 17.22
C SER A 378 31.53 8.70 15.83
N TRP A 379 30.66 7.71 15.69
CA TRP A 379 30.13 7.32 14.38
C TRP A 379 28.68 6.87 14.52
N SER A 380 28.05 6.58 13.39
CA SER A 380 26.64 6.25 13.38
C SER A 380 26.41 4.81 13.82
N TRP A 381 25.52 4.63 14.78
CA TRP A 381 25.18 3.30 15.29
C TRP A 381 23.80 2.89 14.76
N HIS A 382 23.66 2.91 13.43
CA HIS A 382 22.40 2.56 12.81
C HIS A 382 22.11 1.06 12.91
N ASP A 383 20.88 0.67 12.56
CA ASP A 383 20.45 -0.71 12.74
C ASP A 383 21.37 -1.71 12.05
N GLY A 384 21.65 -1.47 10.77
CA GLY A 384 22.64 -2.26 10.06
C GLY A 384 22.11 -3.41 9.23
N ALA A 385 20.79 -3.64 9.27
CA ALA A 385 20.22 -4.70 8.45
C ALA A 385 19.92 -4.23 7.05
N GLU A 386 20.02 -5.15 6.09
CA GLU A 386 19.65 -4.88 4.71
C GLU A 386 18.23 -5.36 4.50
N ILE A 387 17.31 -4.44 4.27
CA ILE A 387 15.91 -4.79 4.09
C ILE A 387 15.70 -5.75 2.91
N ILE A 388 16.58 -5.67 1.91
CA ILE A 388 16.49 -6.56 0.74
C ILE A 388 16.64 -8.03 1.13
N TYR A 389 17.44 -8.29 2.17
CA TYR A 389 17.62 -9.67 2.65
C TYR A 389 16.32 -10.27 3.20
N PHE A 390 15.38 -9.40 3.58
CA PHE A 390 14.09 -9.85 4.11
C PHE A 390 13.02 -9.99 3.03
N LYS A 391 13.42 -9.79 1.78
CA LYS A 391 12.47 -9.84 0.68
C LYS A 391 12.79 -10.93 -0.33
N GLY B 3 -5.83 -19.95 -49.89
CA GLY B 3 -6.53 -18.93 -49.14
C GLY B 3 -7.11 -17.84 -50.03
N THR B 4 -8.22 -17.26 -49.59
CA THR B 4 -8.85 -16.16 -50.33
C THR B 4 -9.31 -15.12 -49.30
N PHE B 5 -9.45 -13.86 -49.72
CA PHE B 5 -9.88 -12.82 -48.78
C PHE B 5 -11.25 -13.09 -48.19
N LEU B 6 -11.37 -12.94 -46.88
CA LEU B 6 -12.65 -13.01 -46.20
C LEU B 6 -13.55 -11.90 -46.69
N ASN B 7 -14.77 -12.25 -47.09
CA ASN B 7 -15.80 -11.27 -47.36
C ASN B 7 -16.91 -11.41 -46.33
N LEU B 8 -17.32 -10.28 -45.72
CA LEU B 8 -18.37 -10.30 -44.70
C LEU B 8 -19.76 -10.45 -45.31
N THR B 9 -20.02 -11.58 -45.96
CA THR B 9 -21.27 -11.72 -46.72
C THR B 9 -22.44 -12.20 -45.86
N LYS B 10 -22.13 -12.85 -44.74
CA LYS B 10 -23.15 -13.51 -43.95
C LYS B 10 -23.78 -12.60 -42.90
N PRO B 11 -25.03 -12.90 -42.52
CA PRO B 11 -25.70 -12.17 -41.44
C PRO B 11 -25.20 -12.68 -40.09
N LEU B 12 -25.47 -11.93 -39.03
CA LEU B 12 -25.16 -12.37 -37.68
C LEU B 12 -26.11 -13.48 -37.25
N CYS B 13 -25.60 -14.51 -36.60
CA CYS B 13 -26.47 -15.56 -36.06
C CYS B 13 -27.37 -14.99 -34.98
N GLU B 14 -28.58 -15.52 -34.91
CA GLU B 14 -29.48 -15.25 -33.80
C GLU B 14 -28.93 -15.89 -32.53
N VAL B 15 -28.95 -15.17 -31.42
CA VAL B 15 -28.42 -15.69 -30.16
C VAL B 15 -29.45 -15.61 -29.03
N SER B 16 -29.70 -16.75 -28.38
CA SER B 16 -30.60 -16.82 -27.23
C SER B 16 -29.87 -17.03 -25.91
N SER B 17 -28.69 -17.64 -25.97
CA SER B 17 -27.86 -17.82 -24.78
C SER B 17 -26.41 -18.00 -25.23
N TRP B 18 -25.51 -18.17 -24.26
CA TRP B 18 -24.08 -18.28 -24.56
C TRP B 18 -23.51 -19.61 -24.08
N HIS B 19 -22.81 -20.31 -24.96
CA HIS B 19 -22.18 -21.58 -24.60
C HIS B 19 -20.68 -21.40 -24.40
N ILE B 20 -20.08 -22.28 -23.59
CA ILE B 20 -18.67 -22.18 -23.29
C ILE B 20 -17.84 -22.56 -24.52
N LEU B 21 -16.87 -21.72 -24.88
CA LEU B 21 -15.96 -22.01 -26.00
C LEU B 21 -14.61 -22.48 -25.46
N SER B 22 -14.01 -21.68 -24.60
CA SER B 22 -12.68 -22.00 -24.06
C SER B 22 -12.44 -21.35 -22.71
N LYS B 23 -11.52 -21.91 -21.94
CA LYS B 23 -11.09 -21.32 -20.68
C LYS B 23 -9.68 -21.87 -20.45
N ASP B 24 -8.73 -21.00 -20.13
CA ASP B 24 -7.35 -21.47 -20.02
C ASP B 24 -6.88 -21.73 -18.60
N ASN B 25 -7.62 -21.24 -17.61
CA ASN B 25 -7.26 -21.46 -16.21
C ASN B 25 -5.80 -21.10 -15.91
N ALA B 26 -5.34 -19.99 -16.50
CA ALA B 26 -3.92 -19.68 -16.50
C ALA B 26 -3.36 -19.39 -15.11
N ILE B 27 -4.15 -18.77 -14.24
CA ILE B 27 -3.64 -18.40 -12.93
C ILE B 27 -3.55 -19.65 -12.06
N ARG B 28 -4.58 -20.49 -12.10
CA ARG B 28 -4.54 -21.76 -11.38
C ARG B 28 -3.31 -22.56 -11.80
N ILE B 29 -3.13 -22.72 -13.09
CA ILE B 29 -2.01 -23.52 -13.60
C ILE B 29 -0.68 -22.85 -13.29
N GLY B 30 -0.62 -21.53 -13.46
CA GLY B 30 0.61 -20.76 -13.29
C GLY B 30 1.10 -20.66 -11.86
N GLU B 31 0.29 -21.11 -10.91
CA GLU B 31 0.73 -21.16 -9.52
C GLU B 31 1.93 -22.09 -9.38
N ASP B 32 2.06 -23.05 -10.29
CA ASP B 32 3.11 -24.06 -10.22
C ASP B 32 3.57 -24.60 -11.59
N ALA B 33 3.35 -23.84 -12.64
CA ALA B 33 3.92 -24.19 -13.93
C ALA B 33 4.47 -22.89 -14.46
N HIS B 34 5.19 -22.94 -15.58
CA HIS B 34 5.83 -21.74 -16.09
C HIS B 34 4.87 -21.01 -17.04
N ILE B 35 4.11 -20.08 -16.47
CA ILE B 35 3.05 -19.39 -17.21
C ILE B 35 3.39 -17.90 -17.22
N LEU B 36 3.31 -17.28 -18.40
CA LEU B 36 3.65 -15.87 -18.53
C LEU B 36 2.61 -14.98 -17.86
N VAL B 37 3.07 -13.91 -17.21
CA VAL B 37 2.18 -12.84 -16.78
C VAL B 37 1.67 -12.13 -18.02
N THR B 38 0.37 -11.87 -18.07
CA THR B 38 -0.23 -11.19 -19.20
C THR B 38 -1.23 -10.15 -18.71
N ARG B 39 -1.79 -9.40 -19.65
CA ARG B 39 -3.06 -8.72 -19.45
C ARG B 39 -3.54 -8.34 -20.85
N GLU B 40 -4.74 -7.77 -20.92
CA GLU B 40 -5.34 -7.38 -22.20
C GLU B 40 -5.40 -8.54 -23.22
N PRO B 41 -6.04 -9.65 -22.84
CA PRO B 41 -6.13 -10.80 -23.75
C PRO B 41 -7.24 -10.61 -24.77
N TYR B 42 -7.23 -11.43 -25.81
CA TYR B 42 -8.38 -11.55 -26.69
C TYR B 42 -8.29 -12.86 -27.46
N LEU B 43 -9.24 -13.10 -28.35
CA LEU B 43 -9.10 -14.25 -29.26
C LEU B 43 -9.27 -13.76 -30.68
N SER B 44 -8.67 -14.48 -31.61
CA SER B 44 -8.82 -14.15 -33.03
C SER B 44 -8.70 -15.44 -33.82
N CYS B 45 -9.49 -15.56 -34.87
CA CYS B 45 -9.52 -16.79 -35.66
C CYS B 45 -8.94 -16.62 -37.05
N ASP B 46 -8.75 -17.74 -37.73
CA ASP B 46 -8.23 -17.74 -39.09
C ASP B 46 -8.84 -18.99 -39.74
N PRO B 47 -8.55 -19.24 -41.04
CA PRO B 47 -9.21 -20.40 -41.63
C PRO B 47 -8.93 -21.74 -40.95
N GLN B 48 -7.82 -21.85 -40.23
CA GLN B 48 -7.45 -23.12 -39.59
C GLN B 48 -8.02 -23.29 -38.18
N GLY B 49 -8.30 -22.18 -37.51
CA GLY B 49 -8.86 -22.26 -36.17
C GLY B 49 -8.75 -20.96 -35.41
N CYS B 50 -8.93 -21.02 -34.10
CA CYS B 50 -8.89 -19.82 -33.27
C CYS B 50 -7.75 -19.89 -32.29
N ARG B 51 -7.20 -18.73 -31.95
CA ARG B 51 -6.06 -18.65 -31.06
C ARG B 51 -6.32 -17.61 -29.98
N MET B 52 -5.68 -17.79 -28.83
CA MET B 52 -5.71 -16.78 -27.78
C MET B 52 -4.55 -15.82 -27.97
N PHE B 53 -4.76 -14.56 -27.59
CA PHE B 53 -3.76 -13.50 -27.71
C PHE B 53 -3.73 -12.73 -26.40
N ALA B 54 -2.59 -12.13 -26.07
CA ALA B 54 -2.50 -11.22 -24.94
C ALA B 54 -1.20 -10.45 -24.98
N LEU B 55 -1.08 -9.45 -24.11
CA LEU B 55 0.18 -8.75 -23.97
C LEU B 55 0.97 -9.35 -22.83
N SER B 56 2.06 -10.04 -23.15
CA SER B 56 2.94 -10.59 -22.13
C SER B 56 3.59 -9.45 -21.36
N GLN B 57 4.02 -9.73 -20.13
CA GLN B 57 4.83 -8.80 -19.36
C GLN B 57 6.29 -9.24 -19.30
N GLY B 58 6.64 -10.29 -20.04
CA GLY B 58 8.05 -10.65 -20.12
C GLY B 58 8.60 -11.26 -18.85
N THR B 59 7.75 -12.04 -18.18
CA THR B 59 8.11 -12.73 -16.94
C THR B 59 7.07 -13.80 -16.70
N THR B 60 7.43 -14.84 -15.95
CA THR B 60 6.43 -15.81 -15.51
C THR B 60 5.72 -15.29 -14.28
N LEU B 61 4.59 -15.91 -13.96
CA LEU B 61 3.72 -15.49 -12.86
C LEU B 61 4.38 -15.66 -11.48
N ARG B 62 5.04 -16.79 -11.30
CA ARG B 62 5.70 -17.10 -10.03
C ARG B 62 7.08 -16.46 -9.97
N GLY B 63 7.53 -15.90 -11.09
CA GLY B 63 8.85 -15.29 -11.16
C GLY B 63 8.94 -14.03 -10.32
N ARG B 64 10.15 -13.70 -9.84
CA ARG B 64 10.30 -12.47 -9.06
C ARG B 64 10.01 -11.23 -9.89
N HIS B 65 10.17 -11.31 -11.21
CA HIS B 65 9.89 -10.16 -12.06
C HIS B 65 8.40 -9.91 -12.25
N ALA B 66 7.55 -10.76 -11.69
CA ALA B 66 6.11 -10.50 -11.74
C ALA B 66 5.78 -9.31 -10.84
N ASN B 67 6.69 -9.01 -9.91
CA ASN B 67 6.56 -7.86 -9.02
C ASN B 67 6.59 -6.58 -9.86
N GLY B 68 5.53 -5.79 -9.79
CA GLY B 68 5.46 -4.53 -10.49
C GLY B 68 4.64 -4.59 -11.79
N THR B 69 4.07 -5.75 -12.09
CA THR B 69 3.35 -5.91 -13.35
C THR B 69 1.97 -5.23 -13.42
N ILE B 70 1.59 -4.50 -12.39
CA ILE B 70 0.44 -3.61 -12.55
C ILE B 70 0.72 -2.55 -13.62
N HIS B 71 1.99 -2.25 -13.85
CA HIS B 71 2.33 -1.19 -14.80
C HIS B 71 2.01 -1.62 -16.24
N ASP B 72 1.42 -0.71 -17.02
CA ASP B 72 0.91 -1.05 -18.34
C ASP B 72 1.99 -1.08 -19.43
N ARG B 73 2.97 -0.19 -19.34
CA ARG B 73 3.91 -0.01 -20.45
C ARG B 73 5.35 -0.19 -20.04
N SER B 74 6.04 -1.11 -20.70
CA SER B 74 7.46 -1.34 -20.45
C SER B 74 8.07 -1.91 -21.72
N PRO B 75 9.41 -1.93 -21.81
CA PRO B 75 10.03 -2.53 -22.99
C PRO B 75 10.02 -4.05 -22.96
N PHE B 76 9.35 -4.64 -21.98
CA PHE B 76 9.39 -6.09 -21.82
C PHE B 76 8.09 -6.74 -22.22
N ARG B 77 7.17 -5.95 -22.75
CA ARG B 77 5.88 -6.49 -23.18
C ARG B 77 5.88 -6.85 -24.66
N ALA B 78 5.04 -7.82 -25.03
CA ALA B 78 4.92 -8.22 -26.43
C ALA B 78 3.55 -8.81 -26.64
N LEU B 79 3.03 -8.70 -27.86
CA LEU B 79 1.82 -9.42 -28.21
C LEU B 79 2.20 -10.85 -28.48
N ILE B 80 1.57 -11.76 -27.73
CA ILE B 80 1.81 -13.18 -27.93
C ILE B 80 0.50 -13.87 -28.31
N SER B 81 0.60 -14.95 -29.08
CA SER B 81 -0.55 -15.78 -29.38
C SER B 81 -0.23 -17.24 -29.10
N TRP B 82 -1.27 -18.02 -28.84
CA TRP B 82 -1.07 -19.43 -28.53
C TRP B 82 -2.33 -20.23 -28.83
N GLU B 83 -2.19 -21.55 -28.85
CA GLU B 83 -3.31 -22.42 -29.19
C GLU B 83 -4.45 -22.25 -28.19
N MET B 84 -5.66 -22.05 -28.70
CA MET B 84 -6.82 -21.77 -27.85
C MET B 84 -7.02 -22.83 -26.77
N GLY B 85 -7.13 -22.40 -25.52
CA GLY B 85 -7.38 -23.33 -24.43
C GLY B 85 -6.16 -23.63 -23.59
N GLN B 86 -4.98 -23.63 -24.20
CA GLN B 86 -3.77 -23.74 -23.42
C GLN B 86 -3.56 -22.46 -22.65
N ALA B 87 -2.76 -22.53 -21.59
CA ALA B 87 -2.32 -21.32 -20.87
C ALA B 87 -1.02 -20.82 -21.51
N PRO B 88 -0.76 -19.51 -21.43
CA PRO B 88 0.41 -18.97 -22.14
C PRO B 88 1.71 -19.25 -21.40
N SER B 89 2.62 -19.98 -22.02
CA SER B 89 3.92 -20.28 -21.39
C SER B 89 5.06 -19.76 -22.27
N PRO B 90 6.28 -19.65 -21.71
CA PRO B 90 7.41 -19.27 -22.58
C PRO B 90 7.67 -20.32 -23.65
N TYR B 91 7.12 -21.52 -23.48
CA TYR B 91 7.41 -22.63 -24.38
C TYR B 91 6.40 -22.77 -25.54
N ASN B 92 5.22 -22.17 -25.40
CA ASN B 92 4.17 -22.42 -26.37
C ASN B 92 3.65 -21.18 -27.11
N VAL B 93 4.22 -20.01 -26.85
CA VAL B 93 3.66 -18.78 -27.44
C VAL B 93 4.40 -18.36 -28.71
N ARG B 94 3.64 -17.73 -29.60
CA ARG B 94 4.21 -17.12 -30.79
C ARG B 94 4.27 -15.62 -30.53
N VAL B 95 5.45 -15.02 -30.70
CA VAL B 95 5.54 -13.57 -30.53
C VAL B 95 5.13 -12.88 -31.82
N GLU B 96 3.99 -12.18 -31.76
CA GLU B 96 3.39 -11.53 -32.92
C GLU B 96 4.09 -10.21 -33.25
N CYS B 97 4.44 -9.47 -32.20
CA CYS B 97 5.09 -8.16 -32.32
C CYS B 97 5.45 -7.69 -30.92
N ILE B 98 6.26 -6.64 -30.84
CA ILE B 98 6.75 -6.15 -29.56
C ILE B 98 6.09 -4.83 -29.20
N GLY B 99 5.55 -4.74 -27.98
CA GLY B 99 4.91 -3.50 -27.55
C GLY B 99 3.88 -3.71 -26.46
N TRP B 100 3.13 -2.63 -26.16
CA TRP B 100 2.26 -2.61 -24.99
C TRP B 100 0.81 -2.22 -25.31
N SER B 101 0.49 -2.19 -26.60
CA SER B 101 -0.90 -2.07 -27.05
C SER B 101 -0.98 -2.79 -28.39
N SER B 102 -2.06 -3.49 -28.66
CA SER B 102 -2.10 -4.30 -29.88
C SER B 102 -3.49 -4.50 -30.48
N THR B 103 -3.48 -4.97 -31.73
CA THR B 103 -4.65 -5.57 -32.35
C THR B 103 -4.13 -6.59 -33.35
N SER B 104 -5.00 -7.48 -33.80
CA SER B 104 -4.60 -8.50 -34.77
C SER B 104 -5.85 -9.00 -35.47
N CYS B 105 -5.71 -9.37 -36.75
CA CYS B 105 -6.80 -10.01 -37.47
C CYS B 105 -6.28 -10.71 -38.72
N HIS B 106 -7.01 -11.72 -39.16
CA HIS B 106 -6.61 -12.49 -40.33
C HIS B 106 -7.55 -12.09 -41.47
N ASP B 107 -6.99 -11.82 -42.65
CA ASP B 107 -7.83 -11.34 -43.75
C ASP B 107 -8.34 -12.47 -44.64
N GLY B 108 -8.05 -13.70 -44.25
CA GLY B 108 -8.44 -14.88 -45.03
C GLY B 108 -7.22 -15.50 -45.69
N ILE B 109 -6.19 -14.68 -45.88
CA ILE B 109 -4.94 -15.13 -46.48
C ILE B 109 -3.80 -15.13 -45.46
N SER B 110 -3.60 -14.00 -44.81
CA SER B 110 -2.54 -13.87 -43.80
C SER B 110 -3.01 -13.04 -42.62
N ARG B 111 -2.27 -13.13 -41.51
CA ARG B 111 -2.60 -12.38 -40.30
C ARG B 111 -1.87 -11.05 -40.25
N MET B 112 -2.60 -9.99 -39.92
CA MET B 112 -2.00 -8.69 -39.64
C MET B 112 -1.98 -8.53 -38.13
N SER B 113 -0.82 -8.18 -37.58
CA SER B 113 -0.70 -7.90 -36.15
C SER B 113 -0.04 -6.55 -35.95
N ILE B 114 -0.57 -5.75 -35.04
CA ILE B 114 -0.02 -4.41 -34.80
C ILE B 114 0.29 -4.24 -33.33
N CYS B 115 1.48 -3.72 -33.03
CA CYS B 115 1.90 -3.41 -31.65
C CYS B 115 2.43 -1.99 -31.59
N MET B 116 2.01 -1.24 -30.56
CA MET B 116 2.63 0.05 -30.28
C MET B 116 3.68 -0.13 -29.18
N SER B 117 4.80 0.59 -29.30
CA SER B 117 5.81 0.57 -28.26
C SER B 117 6.47 1.93 -28.17
N GLY B 118 7.30 2.12 -27.15
CA GLY B 118 8.04 3.36 -27.01
C GLY B 118 7.61 4.17 -25.81
N PRO B 119 8.25 5.34 -25.63
CA PRO B 119 7.91 6.22 -24.50
C PRO B 119 6.59 6.92 -24.76
N ASN B 120 5.95 7.43 -23.71
CA ASN B 120 4.64 8.03 -23.86
C ASN B 120 4.59 9.13 -24.92
N ASN B 121 5.65 9.91 -25.02
CA ASN B 121 5.64 11.08 -25.91
C ASN B 121 6.14 10.82 -27.32
N ASN B 122 6.45 9.56 -27.63
CA ASN B 122 7.12 9.24 -28.90
C ASN B 122 6.94 7.76 -29.23
N ALA B 123 5.74 7.25 -29.02
CA ALA B 123 5.41 5.86 -29.33
C ALA B 123 5.27 5.66 -30.84
N SER B 124 5.32 4.41 -31.28
CA SER B 124 5.15 4.11 -32.69
C SER B 124 4.52 2.75 -32.84
N ALA B 125 3.76 2.58 -33.92
CA ALA B 125 3.17 1.29 -34.22
C ALA B 125 4.00 0.57 -35.28
N VAL B 126 4.18 -0.73 -35.13
CA VAL B 126 4.75 -1.54 -36.20
C VAL B 126 3.67 -2.49 -36.65
N VAL B 127 3.40 -2.49 -37.96
CA VAL B 127 2.37 -3.34 -38.54
C VAL B 127 3.02 -4.53 -39.21
N TRP B 128 2.62 -5.73 -38.78
CA TRP B 128 3.17 -6.97 -39.32
C TRP B 128 2.11 -7.63 -40.18
N TYR B 129 2.55 -8.28 -41.26
CA TYR B 129 1.64 -9.03 -42.11
C TYR B 129 2.33 -10.31 -42.57
N GLY B 130 1.68 -11.44 -42.36
CA GLY B 130 2.27 -12.74 -42.69
C GLY B 130 3.55 -12.99 -41.93
N GLY B 131 3.63 -12.47 -40.70
CA GLY B 131 4.78 -12.73 -39.84
C GLY B 131 6.00 -11.86 -40.10
N ARG B 132 5.83 -10.82 -40.93
CA ARG B 132 6.93 -9.90 -41.23
C ARG B 132 6.48 -8.46 -41.06
N PRO B 133 7.37 -7.58 -40.56
CA PRO B 133 6.97 -6.16 -40.43
C PRO B 133 6.87 -5.50 -41.79
N VAL B 134 5.81 -4.72 -42.01
CA VAL B 134 5.58 -4.13 -43.32
C VAL B 134 5.39 -2.62 -43.29
N THR B 135 4.93 -2.08 -42.16
CA THR B 135 4.61 -0.66 -42.07
C THR B 135 4.92 -0.14 -40.67
N GLU B 136 5.45 1.08 -40.57
CA GLU B 136 5.62 1.72 -39.27
C GLU B 136 4.88 3.04 -39.22
N ILE B 137 4.28 3.35 -38.08
CA ILE B 137 3.49 4.57 -37.93
C ILE B 137 3.89 5.33 -36.68
N PRO B 138 4.41 6.56 -36.85
CA PRO B 138 4.80 7.32 -35.66
C PRO B 138 3.61 7.97 -34.99
N SER B 139 3.73 8.19 -33.69
CA SER B 139 2.74 8.94 -32.91
C SER B 139 2.43 10.26 -33.59
N TRP B 140 1.14 10.58 -33.69
CA TRP B 140 0.74 11.86 -34.28
C TRP B 140 0.41 12.93 -33.25
N ALA B 141 0.21 12.54 -32.00
CA ALA B 141 -0.19 13.49 -30.95
C ALA B 141 0.77 13.48 -29.76
N GLY B 142 1.78 12.63 -29.81
CA GLY B 142 2.77 12.58 -28.74
C GLY B 142 2.24 12.20 -27.37
N ASN B 143 1.22 11.34 -27.31
CA ASN B 143 0.67 10.93 -26.02
C ASN B 143 0.08 9.52 -26.07
N ILE B 144 0.97 8.52 -26.01
CA ILE B 144 0.57 7.11 -25.92
C ILE B 144 -0.30 6.63 -27.09
N LEU B 145 0.27 6.63 -28.29
CA LEU B 145 -0.39 6.03 -29.44
C LEU B 145 -0.80 4.62 -29.05
N ARG B 146 -2.05 4.24 -29.32
CA ARG B 146 -2.59 3.00 -28.78
C ARG B 146 -3.79 2.52 -29.60
N THR B 147 -4.22 1.28 -29.37
CA THR B 147 -5.25 0.71 -30.22
C THR B 147 -6.20 -0.24 -29.49
N GLN B 148 -6.77 -1.22 -30.19
CA GLN B 148 -8.00 -1.86 -29.75
C GLN B 148 -7.92 -2.80 -28.54
N GLU B 149 -6.82 -3.55 -28.44
CA GLU B 149 -6.66 -4.63 -27.46
C GLU B 149 -7.66 -5.78 -27.67
N SER B 150 -8.21 -5.86 -28.88
CA SER B 150 -8.91 -7.06 -29.34
C SER B 150 -8.88 -7.07 -30.86
N GLU B 151 -9.47 -8.07 -31.49
CA GLU B 151 -9.23 -8.29 -32.92
C GLU B 151 -9.86 -7.22 -33.79
N CYS B 152 -9.17 -6.92 -34.90
CA CYS B 152 -9.76 -6.14 -35.97
C CYS B 152 -10.58 -7.05 -36.88
N VAL B 153 -11.15 -6.51 -37.96
CA VAL B 153 -12.03 -7.27 -38.85
C VAL B 153 -11.69 -6.89 -40.28
N CYS B 154 -11.73 -7.87 -41.19
CA CYS B 154 -11.33 -7.63 -42.57
C CYS B 154 -12.46 -7.96 -43.54
N HIS B 155 -12.48 -7.25 -44.67
CA HIS B 155 -13.51 -7.47 -45.69
C HIS B 155 -12.90 -7.16 -47.05
N LYS B 156 -12.88 -8.14 -47.93
CA LYS B 156 -12.27 -8.00 -49.26
C LYS B 156 -10.84 -7.49 -49.18
N GLY B 157 -10.10 -7.95 -48.17
CA GLY B 157 -8.71 -7.55 -48.00
C GLY B 157 -8.49 -6.26 -47.22
N ILE B 158 -9.57 -5.55 -46.91
CA ILE B 158 -9.47 -4.29 -46.18
C ILE B 158 -9.75 -4.50 -44.69
N CYS B 159 -8.77 -4.16 -43.84
CA CYS B 159 -8.91 -4.33 -42.40
C CYS B 159 -8.81 -2.98 -41.69
N PRO B 160 -9.96 -2.41 -41.29
CA PRO B 160 -9.93 -1.14 -40.56
C PRO B 160 -9.43 -1.35 -39.13
N VAL B 161 -8.66 -0.40 -38.61
CA VAL B 161 -8.16 -0.45 -37.24
C VAL B 161 -8.39 0.91 -36.58
N VAL B 162 -8.95 0.90 -35.37
CA VAL B 162 -9.19 2.17 -34.67
C VAL B 162 -8.01 2.42 -33.74
N MET B 163 -7.40 3.60 -33.84
CA MET B 163 -6.25 3.97 -33.01
C MET B 163 -6.47 5.33 -32.36
N THR B 164 -5.93 5.51 -31.17
CA THR B 164 -6.06 6.79 -30.47
C THR B 164 -4.68 7.29 -30.01
N ASP B 165 -4.48 8.61 -30.05
CA ASP B 165 -3.25 9.21 -29.58
C ASP B 165 -3.65 10.53 -28.91
N GLY B 166 -3.23 10.73 -27.67
CA GLY B 166 -3.67 11.88 -26.90
C GLY B 166 -4.11 11.51 -25.50
N PRO B 167 -4.64 12.50 -24.77
CA PRO B 167 -5.06 12.31 -23.37
C PRO B 167 -6.07 11.18 -23.17
N ALA B 168 -5.99 10.51 -22.02
CA ALA B 168 -7.00 9.52 -21.66
C ALA B 168 -8.15 10.18 -20.91
N ASN B 169 -7.94 11.43 -20.50
CA ASN B 169 -8.90 12.13 -19.67
C ASN B 169 -9.33 13.47 -20.26
N ASN B 170 -9.19 13.60 -21.57
CA ASN B 170 -9.56 14.82 -22.28
C ASN B 170 -9.71 14.45 -23.75
N ARG B 171 -10.07 15.39 -24.60
CA ARG B 171 -10.19 15.10 -26.03
C ARG B 171 -8.88 14.59 -26.61
N ALA B 172 -8.96 13.56 -27.46
CA ALA B 172 -7.77 12.95 -28.06
C ALA B 172 -7.93 12.90 -29.57
N ALA B 173 -6.90 12.43 -30.26
CA ALA B 173 -6.93 12.33 -31.71
C ALA B 173 -7.07 10.86 -32.12
N THR B 174 -8.28 10.49 -32.52
CA THR B 174 -8.55 9.13 -32.94
C THR B 174 -8.59 9.05 -34.46
N LYS B 175 -8.02 7.97 -35.01
CA LYS B 175 -8.05 7.76 -36.45
C LYS B 175 -8.50 6.34 -36.75
N ILE B 176 -9.15 6.18 -37.89
CA ILE B 176 -9.41 4.85 -38.43
C ILE B 176 -8.46 4.65 -39.59
N ILE B 177 -7.62 3.63 -39.51
CA ILE B 177 -6.66 3.36 -40.58
C ILE B 177 -7.07 2.07 -41.29
N TYR B 178 -7.16 2.15 -42.61
CA TYR B 178 -7.65 1.04 -43.42
C TYR B 178 -6.46 0.36 -44.07
N PHE B 179 -6.20 -0.88 -43.68
CA PHE B 179 -5.02 -1.61 -44.15
C PHE B 179 -5.37 -2.64 -45.21
N LYS B 180 -4.42 -2.91 -46.10
CA LYS B 180 -4.50 -4.06 -46.98
C LYS B 180 -3.11 -4.64 -47.07
N GLU B 181 -2.98 -5.90 -46.67
CA GLU B 181 -1.67 -6.55 -46.55
C GLU B 181 -0.72 -5.72 -45.69
N GLY B 182 -1.29 -5.11 -44.64
CA GLY B 182 -0.51 -4.32 -43.69
C GLY B 182 -0.10 -2.96 -44.20
N LYS B 183 -0.56 -2.59 -45.40
CA LYS B 183 -0.21 -1.31 -46.02
C LYS B 183 -1.39 -0.36 -45.93
N ILE B 184 -1.11 0.90 -45.60
CA ILE B 184 -2.17 1.88 -45.43
C ILE B 184 -2.82 2.24 -46.75
N GLN B 185 -4.14 2.03 -46.83
CA GLN B 185 -4.91 2.40 -48.02
C GLN B 185 -5.55 3.77 -47.85
N LYS B 186 -5.91 4.09 -46.62
CA LYS B 186 -6.63 5.31 -46.32
C LYS B 186 -6.57 5.58 -44.83
N ILE B 187 -6.51 6.86 -44.47
CA ILE B 187 -6.59 7.28 -43.08
C ILE B 187 -7.75 8.28 -42.91
N GLU B 188 -8.63 8.02 -41.93
CA GLU B 188 -9.68 8.98 -41.60
C GLU B 188 -9.55 9.46 -40.17
N GLU B 189 -9.79 10.75 -39.94
CA GLU B 189 -9.97 11.23 -38.58
C GLU B 189 -11.31 10.74 -38.09
N LEU B 190 -11.40 10.46 -36.79
CA LEU B 190 -12.67 10.04 -36.20
C LEU B 190 -13.72 11.12 -36.44
N ALA B 191 -14.89 10.70 -36.93
CA ALA B 191 -16.03 11.59 -37.13
C ALA B 191 -17.17 11.10 -36.25
N GLY B 192 -18.25 11.87 -36.18
CA GLY B 192 -19.42 11.44 -35.44
C GLY B 192 -19.52 12.11 -34.08
N ASN B 193 -20.42 11.60 -33.25
CA ASN B 193 -20.68 12.24 -31.96
C ASN B 193 -19.94 11.63 -30.79
N ALA B 194 -19.20 10.54 -31.01
CA ALA B 194 -18.41 9.97 -29.93
C ALA B 194 -17.37 11.01 -29.49
N GLN B 195 -17.31 11.28 -28.19
CA GLN B 195 -16.43 12.31 -27.65
C GLN B 195 -15.00 11.83 -27.37
N HIS B 196 -14.84 10.52 -27.19
CA HIS B 196 -13.55 9.96 -26.85
C HIS B 196 -13.62 8.48 -27.16
N ILE B 197 -12.53 7.93 -27.70
CA ILE B 197 -12.51 6.54 -28.15
C ILE B 197 -11.28 5.80 -27.65
N GLU B 198 -11.51 4.68 -26.97
CA GLU B 198 -10.44 3.77 -26.56
C GLU B 198 -10.89 2.34 -26.79
N GLU B 199 -9.92 1.47 -27.07
CA GLU B 199 -10.09 0.03 -26.93
C GLU B 199 -11.35 -0.53 -27.59
N CYS B 200 -11.53 -0.21 -28.87
CA CYS B 200 -12.71 -0.68 -29.59
C CYS B 200 -12.77 -2.20 -29.74
N SER B 201 -13.96 -2.76 -29.52
CA SER B 201 -14.22 -4.17 -29.77
C SER B 201 -15.09 -4.27 -31.01
N CYS B 202 -14.61 -4.95 -32.05
CA CYS B 202 -15.26 -4.88 -33.37
C CYS B 202 -15.65 -6.25 -33.91
N TYR B 203 -16.71 -6.27 -34.70
CA TYR B 203 -17.12 -7.49 -35.40
C TYR B 203 -17.81 -7.07 -36.70
N GLY B 204 -18.00 -8.01 -37.61
CA GLY B 204 -18.60 -7.68 -38.90
C GLY B 204 -19.67 -8.65 -39.34
N ALA B 205 -20.59 -8.14 -40.18
CA ALA B 205 -21.60 -8.98 -40.82
C ALA B 205 -22.21 -8.16 -41.96
N VAL B 206 -22.68 -8.85 -43.00
CA VAL B 206 -23.27 -8.23 -44.20
C VAL B 206 -22.64 -6.89 -44.60
N GLY B 207 -21.31 -6.88 -44.70
CA GLY B 207 -20.60 -5.74 -45.24
C GLY B 207 -20.46 -4.53 -44.30
N VAL B 208 -20.83 -4.73 -43.04
CA VAL B 208 -20.73 -3.66 -42.04
C VAL B 208 -19.79 -4.10 -40.92
N ILE B 209 -18.94 -3.19 -40.44
CA ILE B 209 -18.14 -3.47 -39.26
C ILE B 209 -18.56 -2.52 -38.15
N LYS B 210 -18.94 -3.07 -36.99
CA LYS B 210 -19.31 -2.23 -35.85
C LYS B 210 -18.29 -2.38 -34.73
N CYS B 211 -17.89 -1.25 -34.15
CA CYS B 211 -16.93 -1.23 -33.06
C CYS B 211 -17.57 -0.59 -31.84
N VAL B 212 -17.54 -1.30 -30.72
CA VAL B 212 -18.11 -0.79 -29.47
C VAL B 212 -16.93 -0.49 -28.57
N CYS B 213 -16.82 0.76 -28.15
CA CYS B 213 -15.58 1.25 -27.56
C CYS B 213 -15.75 1.76 -26.13
N ARG B 214 -14.73 2.45 -25.64
CA ARG B 214 -14.70 2.97 -24.29
C ARG B 214 -14.43 4.47 -24.36
N ASP B 215 -15.37 5.26 -23.86
CA ASP B 215 -15.18 6.70 -23.72
C ASP B 215 -14.62 6.90 -22.32
N ASN B 216 -13.32 7.20 -22.25
CA ASN B 216 -12.66 7.27 -20.96
C ASN B 216 -12.77 8.65 -20.34
N TRP B 217 -13.30 9.58 -21.12
CA TRP B 217 -13.33 10.99 -20.75
C TRP B 217 -14.65 11.38 -20.07
N LYS B 218 -15.76 10.97 -20.67
CA LYS B 218 -17.08 11.43 -20.21
C LYS B 218 -18.11 10.33 -19.98
N GLY B 219 -18.37 9.52 -21.00
CA GLY B 219 -19.55 8.67 -20.99
C GLY B 219 -19.47 7.33 -20.30
N ALA B 220 -20.52 7.01 -19.56
CA ALA B 220 -20.74 5.65 -19.04
C ALA B 220 -21.53 4.82 -20.05
N ASN B 221 -22.13 5.51 -21.02
CA ASN B 221 -22.63 4.82 -22.20
C ASN B 221 -21.47 4.66 -23.17
N ARG B 222 -21.45 3.55 -23.92
CA ARG B 222 -20.31 3.26 -24.79
C ARG B 222 -20.46 3.88 -26.17
N PRO B 223 -19.38 4.46 -26.69
CA PRO B 223 -19.36 4.88 -28.10
C PRO B 223 -19.46 3.69 -29.04
N VAL B 224 -20.12 3.88 -30.17
CA VAL B 224 -20.22 2.85 -31.20
C VAL B 224 -19.77 3.49 -32.50
N ILE B 225 -18.80 2.88 -33.16
CA ILE B 225 -18.38 3.34 -34.48
C ILE B 225 -18.88 2.32 -35.51
N THR B 226 -19.49 2.82 -36.58
CA THR B 226 -20.02 1.96 -37.64
C THR B 226 -19.20 2.22 -38.89
N ILE B 227 -18.53 1.17 -39.38
CA ILE B 227 -17.59 1.30 -40.49
C ILE B 227 -18.07 0.58 -41.75
N ASP B 228 -17.97 1.26 -42.88
CA ASP B 228 -18.18 0.65 -44.19
C ASP B 228 -16.78 0.38 -44.74
N PRO B 229 -16.35 -0.90 -44.76
CA PRO B 229 -14.98 -1.20 -45.19
C PRO B 229 -14.80 -1.17 -46.70
N GLU B 230 -15.89 -1.05 -47.47
CA GLU B 230 -15.77 -0.90 -48.92
C GLU B 230 -15.55 0.56 -49.31
N MET B 231 -16.43 1.43 -48.80
CA MET B 231 -16.28 2.86 -49.05
C MET B 231 -15.18 3.45 -48.18
N MET B 232 -14.79 2.69 -47.15
CA MET B 232 -13.82 3.14 -46.16
C MET B 232 -14.25 4.46 -45.50
N THR B 233 -15.48 4.45 -44.97
CA THR B 233 -16.05 5.60 -44.28
C THR B 233 -16.74 5.12 -43.02
N HIS B 234 -17.11 6.04 -42.15
CA HIS B 234 -17.71 5.63 -40.88
C HIS B 234 -18.56 6.73 -40.26
N THR B 235 -19.36 6.34 -39.27
CA THR B 235 -20.08 7.26 -38.42
C THR B 235 -19.82 6.83 -36.98
N SER B 236 -20.15 7.67 -36.02
CA SER B 236 -20.04 7.26 -34.61
C SER B 236 -21.06 7.99 -33.76
N LYS B 237 -21.42 7.38 -32.64
CA LYS B 237 -22.32 8.00 -31.68
C LYS B 237 -22.26 7.14 -30.42
N TYR B 238 -23.30 7.20 -29.61
CA TYR B 238 -23.33 6.37 -28.41
C TYR B 238 -24.40 5.29 -28.50
N LEU B 239 -24.15 4.19 -27.79
CA LEU B 239 -25.16 3.16 -27.59
C LEU B 239 -26.37 3.85 -26.95
N CYS B 240 -27.53 3.75 -27.61
CA CYS B 240 -28.71 4.51 -27.20
C CYS B 240 -29.31 4.05 -25.87
N SER B 241 -29.23 2.76 -25.60
CA SER B 241 -29.93 2.15 -24.47
C SER B 241 -29.66 2.83 -23.14
N LYS B 242 -30.69 2.89 -22.30
CA LYS B 242 -30.55 3.34 -20.92
C LYS B 242 -29.72 2.34 -20.10
N ILE B 243 -29.53 1.13 -20.62
CA ILE B 243 -28.70 0.13 -19.95
C ILE B 243 -27.23 0.46 -20.22
N LEU B 244 -26.57 1.08 -19.24
CA LEU B 244 -25.22 1.60 -19.41
C LEU B 244 -24.22 0.48 -19.19
N THR B 245 -23.16 0.45 -19.99
CA THR B 245 -22.29 -0.73 -19.96
C THR B 245 -20.80 -0.49 -19.77
N ASP B 246 -20.39 0.75 -19.49
CA ASP B 246 -19.01 0.99 -19.08
C ASP B 246 -18.88 0.81 -17.56
N THR B 247 -17.65 0.85 -17.06
CA THR B 247 -17.42 0.77 -15.61
C THR B 247 -16.30 1.75 -15.28
N SER B 248 -16.49 2.69 -14.37
CA SER B 248 -17.68 2.81 -13.53
C SER B 248 -18.84 3.51 -14.24
N ARG B 249 -20.03 3.37 -13.69
CA ARG B 249 -21.23 3.98 -14.26
C ARG B 249 -22.23 4.27 -13.15
N PRO B 250 -23.17 5.21 -13.39
CA PRO B 250 -24.24 5.42 -12.41
C PRO B 250 -25.29 4.33 -12.58
N ASN B 251 -26.32 4.31 -11.72
CA ASN B 251 -27.45 3.43 -11.95
C ASN B 251 -28.03 3.74 -13.31
N ASP B 252 -28.61 2.74 -13.98
CA ASP B 252 -29.24 2.99 -15.27
C ASP B 252 -30.38 3.99 -15.13
N PRO B 253 -30.37 5.04 -15.96
CA PRO B 253 -31.44 6.06 -15.95
C PRO B 253 -32.69 5.53 -16.65
N THR B 254 -33.75 6.33 -16.68
CA THR B 254 -34.99 5.89 -17.31
C THR B 254 -34.89 6.00 -18.82
N ASN B 255 -33.92 6.79 -19.28
CA ASN B 255 -33.71 7.01 -20.71
C ASN B 255 -32.23 7.15 -21.04
N GLY B 256 -31.78 6.46 -22.09
CA GLY B 256 -30.40 6.57 -22.53
C GLY B 256 -30.16 7.82 -23.36
N ASN B 257 -28.98 7.90 -23.98
CA ASN B 257 -28.63 9.02 -24.85
C ASN B 257 -27.83 8.52 -26.05
N CYS B 258 -28.37 8.72 -27.25
CA CYS B 258 -27.71 8.31 -28.48
C CYS B 258 -26.56 9.23 -28.91
N ASP B 259 -26.63 10.50 -28.51
CA ASP B 259 -25.78 11.52 -29.13
C ASP B 259 -24.71 12.11 -28.23
N ALA B 260 -24.75 11.79 -26.95
CA ALA B 260 -23.89 12.45 -26.00
C ALA B 260 -23.61 11.54 -24.83
N PRO B 261 -22.47 11.74 -24.16
CA PRO B 261 -22.11 10.93 -23.00
C PRO B 261 -23.03 11.16 -21.81
N ILE B 262 -23.39 10.06 -21.15
CA ILE B 262 -24.04 10.11 -19.84
C ILE B 262 -22.94 9.98 -18.80
N THR B 263 -22.73 11.04 -18.04
CA THR B 263 -21.65 11.09 -17.07
C THR B 263 -22.09 10.47 -15.74
N GLY B 264 -21.12 10.28 -14.83
CA GLY B 264 -21.45 9.71 -13.54
C GLY B 264 -20.71 8.41 -13.31
N GLY B 265 -20.86 7.86 -12.10
CA GLY B 265 -20.11 6.67 -11.75
C GLY B 265 -18.79 7.02 -11.12
N SER B 266 -18.30 6.13 -10.27
CA SER B 266 -17.06 6.34 -9.54
C SER B 266 -16.61 4.96 -9.09
N PRO B 267 -15.29 4.75 -8.98
CA PRO B 267 -14.19 5.68 -9.23
C PRO B 267 -13.41 5.42 -10.52
N ASP B 268 -13.79 4.42 -11.31
CA ASP B 268 -13.04 4.08 -12.52
C ASP B 268 -13.52 4.88 -13.73
N PRO B 269 -12.61 5.40 -14.56
CA PRO B 269 -13.07 6.16 -15.73
C PRO B 269 -13.55 5.30 -16.91
N GLY B 270 -13.20 4.01 -16.93
CA GLY B 270 -13.67 3.16 -18.00
C GLY B 270 -13.07 1.76 -17.97
N VAL B 271 -13.64 0.88 -18.80
CA VAL B 271 -13.07 -0.44 -19.03
C VAL B 271 -13.38 -0.86 -20.47
N LYS B 272 -12.49 -1.62 -21.10
CA LYS B 272 -12.80 -2.16 -22.42
C LYS B 272 -14.00 -3.10 -22.33
N GLY B 273 -14.93 -2.95 -23.27
CA GLY B 273 -16.10 -3.81 -23.33
C GLY B 273 -16.59 -3.98 -24.76
N PHE B 274 -17.81 -4.50 -24.92
CA PHE B 274 -18.30 -4.85 -26.24
C PHE B 274 -19.82 -4.98 -26.24
N ALA B 275 -20.40 -5.08 -27.44
CA ALA B 275 -21.79 -5.44 -27.59
C ALA B 275 -22.00 -5.96 -29.01
N PHE B 276 -23.00 -6.81 -29.19
CA PHE B 276 -23.43 -7.22 -30.51
C PHE B 276 -24.77 -6.54 -30.78
N LEU B 277 -24.83 -5.76 -31.85
CA LEU B 277 -25.96 -4.86 -32.10
C LEU B 277 -26.62 -5.22 -33.42
N ASP B 278 -27.79 -5.83 -33.36
CA ASP B 278 -28.44 -6.38 -34.53
C ASP B 278 -29.95 -6.36 -34.32
N GLY B 279 -30.50 -5.16 -34.13
CA GLY B 279 -31.93 -5.02 -33.92
C GLY B 279 -32.39 -5.76 -32.68
N GLU B 280 -33.40 -6.61 -32.86
CA GLU B 280 -33.92 -7.41 -31.75
C GLU B 280 -32.84 -8.34 -31.22
N ASN B 281 -31.96 -8.78 -32.11
CA ASN B 281 -30.88 -9.70 -31.78
C ASN B 281 -29.68 -8.92 -31.25
N SER B 282 -29.87 -8.22 -30.14
CA SER B 282 -28.80 -7.39 -29.57
C SER B 282 -28.46 -7.79 -28.14
N TRP B 283 -27.16 -7.90 -27.85
CA TRP B 283 -26.69 -8.34 -26.55
C TRP B 283 -25.62 -7.39 -26.02
N LEU B 284 -25.78 -6.96 -24.78
CA LEU B 284 -24.82 -6.06 -24.14
C LEU B 284 -24.10 -6.84 -23.05
N GLY B 285 -22.78 -6.75 -23.04
CA GLY B 285 -22.02 -7.25 -21.91
C GLY B 285 -21.66 -6.10 -20.97
N ARG B 286 -21.53 -6.39 -19.68
CA ARG B 286 -21.01 -5.41 -18.74
C ARG B 286 -20.61 -6.08 -17.43
N THR B 287 -19.79 -5.41 -16.64
CA THR B 287 -19.48 -5.90 -15.29
C THR B 287 -20.77 -5.86 -14.47
N ILE B 288 -20.90 -6.75 -13.50
CA ILE B 288 -22.11 -6.72 -12.67
C ILE B 288 -22.08 -5.51 -11.75
N SER B 289 -20.93 -5.27 -11.13
CA SER B 289 -20.74 -4.09 -10.32
C SER B 289 -20.76 -2.85 -11.20
N LYS B 290 -21.45 -1.79 -10.77
CA LYS B 290 -21.41 -0.54 -11.52
C LYS B 290 -20.18 0.26 -11.14
N ASP B 291 -19.50 -0.13 -10.06
CA ASP B 291 -18.35 0.63 -9.57
C ASP B 291 -17.02 0.06 -10.04
N SER B 292 -16.92 -1.27 -10.04
CA SER B 292 -15.63 -1.93 -10.21
C SER B 292 -15.68 -3.11 -11.16
N ARG B 293 -14.50 -3.59 -11.53
CA ARG B 293 -14.40 -4.69 -12.48
C ARG B 293 -14.67 -6.03 -11.81
N SER B 294 -15.91 -6.23 -11.37
CA SER B 294 -16.27 -7.51 -10.78
C SER B 294 -17.56 -8.03 -11.39
N GLY B 295 -17.64 -9.34 -11.54
CA GLY B 295 -18.78 -9.96 -12.18
C GLY B 295 -18.81 -9.68 -13.67
N TYR B 296 -19.60 -10.46 -14.39
CA TYR B 296 -19.86 -10.17 -15.79
C TYR B 296 -21.21 -10.74 -16.19
N GLU B 297 -22.03 -9.95 -16.87
CA GLU B 297 -23.36 -10.37 -17.26
C GLU B 297 -23.62 -10.06 -18.73
N MET B 298 -24.38 -10.91 -19.41
CA MET B 298 -24.83 -10.63 -20.77
C MET B 298 -26.31 -10.33 -20.70
N LEU B 299 -26.71 -9.21 -21.31
CA LEU B 299 -28.10 -8.78 -21.25
C LEU B 299 -28.63 -8.67 -22.69
N LYS B 300 -29.72 -9.37 -22.99
CA LYS B 300 -30.33 -9.22 -24.29
C LYS B 300 -31.24 -8.00 -24.23
N VAL B 301 -30.87 -6.97 -24.99
CA VAL B 301 -31.56 -5.69 -24.97
C VAL B 301 -31.96 -5.34 -26.40
N PRO B 302 -33.19 -5.73 -26.80
CA PRO B 302 -33.61 -5.53 -28.19
C PRO B 302 -33.51 -4.06 -28.59
N ASN B 303 -32.91 -3.78 -29.75
CA ASN B 303 -32.78 -2.42 -30.24
C ASN B 303 -31.98 -1.49 -29.34
N ALA B 304 -31.04 -2.07 -28.58
CA ALA B 304 -30.18 -1.29 -27.70
C ALA B 304 -29.48 -0.17 -28.45
N GLU B 305 -29.12 -0.45 -29.70
CA GLU B 305 -28.35 0.49 -30.50
C GLU B 305 -29.14 1.75 -30.84
N THR B 306 -30.46 1.62 -30.94
CA THR B 306 -31.29 2.70 -31.50
C THR B 306 -32.34 3.27 -30.54
N ASP B 307 -32.69 2.51 -29.51
CA ASP B 307 -33.82 2.83 -28.63
C ASP B 307 -33.36 3.23 -27.22
N THR B 308 -33.52 4.52 -26.90
CA THR B 308 -33.08 5.03 -25.61
C THR B 308 -33.82 4.42 -24.41
N GLN B 309 -34.95 3.79 -24.68
CA GLN B 309 -35.75 3.19 -23.61
C GLN B 309 -35.62 1.67 -23.53
N SER B 310 -34.80 1.09 -24.40
CA SER B 310 -34.63 -0.36 -24.44
C SER B 310 -34.06 -0.92 -23.14
N GLY B 311 -34.64 -2.01 -22.67
CA GLY B 311 -34.17 -2.71 -21.48
C GLY B 311 -34.01 -4.20 -21.77
N PRO B 312 -33.53 -4.96 -20.78
CA PRO B 312 -33.24 -6.38 -20.99
C PRO B 312 -34.50 -7.25 -20.99
N ILE B 313 -34.54 -8.24 -21.88
CA ILE B 313 -35.62 -9.23 -21.87
C ILE B 313 -35.09 -10.58 -21.44
N SER B 314 -33.76 -10.72 -21.40
CA SER B 314 -33.14 -11.90 -20.83
C SER B 314 -31.73 -11.59 -20.33
N HIS B 315 -31.15 -12.54 -19.57
CA HIS B 315 -29.81 -12.31 -19.05
C HIS B 315 -29.10 -13.62 -18.79
N GLN B 316 -27.77 -13.56 -18.80
CA GLN B 316 -26.98 -14.71 -18.43
C GLN B 316 -25.76 -14.22 -17.65
N VAL B 317 -25.61 -14.69 -16.43
CA VAL B 317 -24.42 -14.37 -15.66
C VAL B 317 -23.24 -15.21 -16.18
N ILE B 318 -22.16 -14.53 -16.55
CA ILE B 318 -20.97 -15.20 -17.07
C ILE B 318 -19.92 -15.39 -15.98
N VAL B 319 -19.78 -14.37 -15.13
CA VAL B 319 -18.90 -14.42 -13.96
C VAL B 319 -19.69 -13.84 -12.80
N ASN B 320 -19.84 -14.57 -11.71
CA ASN B 320 -20.63 -14.02 -10.60
C ASN B 320 -19.97 -12.79 -9.97
N ASN B 321 -20.74 -12.01 -9.21
CA ASN B 321 -20.24 -10.75 -8.69
C ASN B 321 -19.37 -10.90 -7.45
N GLN B 322 -19.06 -12.14 -7.08
CA GLN B 322 -18.09 -12.39 -6.02
C GLN B 322 -16.71 -12.64 -6.61
N ASN B 323 -16.60 -12.49 -7.92
CA ASN B 323 -15.34 -12.74 -8.62
C ASN B 323 -14.93 -11.60 -9.53
N TRP B 324 -13.62 -11.45 -9.73
CA TRP B 324 -13.07 -10.36 -10.54
C TRP B 324 -13.22 -10.61 -12.03
N SER B 325 -13.59 -9.58 -12.79
CA SER B 325 -13.55 -9.67 -14.23
C SER B 325 -12.46 -8.76 -14.78
N GLY B 326 -12.79 -7.94 -15.78
CA GLY B 326 -11.75 -7.17 -16.44
C GLY B 326 -12.23 -6.76 -17.82
N TYR B 327 -11.30 -6.64 -18.76
CA TYR B 327 -11.64 -6.29 -20.13
C TYR B 327 -12.51 -7.37 -20.76
N SER B 328 -13.31 -6.97 -21.73
CA SER B 328 -14.07 -7.93 -22.53
C SER B 328 -14.12 -7.45 -23.97
N GLY B 329 -14.28 -8.37 -24.91
CA GLY B 329 -14.18 -7.98 -26.31
C GLY B 329 -14.83 -9.00 -27.21
N ALA B 330 -15.05 -8.61 -28.47
CA ALA B 330 -15.76 -9.44 -29.43
C ALA B 330 -14.80 -10.13 -30.41
N PHE B 331 -15.15 -11.33 -30.83
CA PHE B 331 -14.49 -11.96 -31.97
C PHE B 331 -15.48 -12.90 -32.60
N ILE B 332 -15.25 -13.26 -33.86
CA ILE B 332 -16.09 -14.22 -34.54
C ILE B 332 -15.22 -15.17 -35.34
N ASP B 333 -15.56 -16.45 -35.34
CA ASP B 333 -14.89 -17.38 -36.24
C ASP B 333 -15.54 -17.21 -37.61
N TYR B 334 -15.00 -16.28 -38.41
CA TYR B 334 -15.58 -15.99 -39.73
C TYR B 334 -15.45 -17.15 -40.72
N TRP B 335 -14.70 -18.18 -40.33
CA TRP B 335 -14.44 -19.32 -41.21
C TRP B 335 -15.15 -20.59 -40.73
N ALA B 336 -16.10 -20.42 -39.82
CA ALA B 336 -16.88 -21.55 -39.33
C ALA B 336 -17.75 -22.11 -40.44
N ASN B 337 -18.11 -23.39 -40.31
CA ASN B 337 -19.01 -24.00 -41.27
C ASN B 337 -20.46 -23.74 -40.88
N LYS B 338 -20.86 -22.47 -41.03
CA LYS B 338 -22.18 -22.00 -40.63
C LYS B 338 -22.69 -21.03 -41.66
N GLU B 339 -24.02 -20.92 -41.78
CA GLU B 339 -24.62 -19.99 -42.75
C GLU B 339 -24.66 -18.56 -42.21
N CYS B 340 -24.33 -18.39 -40.93
CA CYS B 340 -24.29 -17.06 -40.34
C CYS B 340 -22.99 -16.92 -39.55
N PHE B 341 -22.61 -15.68 -39.26
CA PHE B 341 -21.46 -15.39 -38.40
C PHE B 341 -21.92 -15.41 -36.95
N ASN B 342 -21.40 -16.33 -36.14
CA ASN B 342 -21.85 -16.45 -34.76
C ASN B 342 -21.02 -15.61 -33.79
N PRO B 343 -21.68 -14.68 -33.06
CA PRO B 343 -21.01 -13.84 -32.07
C PRO B 343 -20.26 -14.66 -31.02
N CYS B 344 -19.03 -14.23 -30.69
CA CYS B 344 -18.29 -14.78 -29.57
C CYS B 344 -17.72 -13.63 -28.77
N PHE B 345 -17.39 -13.88 -27.51
CA PHE B 345 -16.72 -12.87 -26.72
C PHE B 345 -15.82 -13.53 -25.69
N TYR B 346 -14.90 -12.75 -25.13
CA TYR B 346 -14.09 -13.27 -24.04
C TYR B 346 -14.25 -12.32 -22.87
N VAL B 347 -13.96 -12.81 -21.68
CA VAL B 347 -13.85 -11.94 -20.52
C VAL B 347 -12.46 -12.18 -19.93
N GLU B 348 -11.73 -11.08 -19.73
CA GLU B 348 -10.44 -11.13 -19.04
C GLU B 348 -10.70 -11.22 -17.55
N LEU B 349 -10.10 -12.20 -16.88
CA LEU B 349 -10.34 -12.39 -15.46
C LEU B 349 -9.10 -11.93 -14.71
N ILE B 350 -9.09 -10.68 -14.26
CA ILE B 350 -7.87 -10.07 -13.71
C ILE B 350 -7.66 -10.51 -12.27
N ARG B 351 -6.43 -10.96 -11.96
CA ARG B 351 -6.09 -11.33 -10.59
C ARG B 351 -4.91 -10.49 -10.15
N GLY B 352 -4.83 -10.21 -8.85
CA GLY B 352 -3.72 -9.43 -8.32
C GLY B 352 -4.05 -7.95 -8.22
N ARG B 353 -3.05 -7.10 -8.45
CA ARG B 353 -3.24 -5.66 -8.24
C ARG B 353 -4.13 -5.01 -9.30
N PRO B 354 -4.86 -3.94 -8.92
CA PRO B 354 -4.85 -3.31 -7.59
C PRO B 354 -5.89 -3.87 -6.61
N LYS B 355 -6.83 -4.67 -7.07
CA LYS B 355 -7.90 -5.13 -6.19
C LYS B 355 -7.43 -6.17 -5.16
N GLU B 356 -6.43 -6.96 -5.52
CA GLU B 356 -5.84 -7.92 -4.60
C GLU B 356 -4.38 -7.53 -4.37
N SER B 357 -4.17 -6.52 -3.54
N SER B 357 -4.18 -6.52 -3.55
CA SER B 357 -2.84 -5.95 -3.37
CA SER B 357 -2.86 -5.95 -3.36
C SER B 357 -1.98 -6.71 -2.37
C SER B 357 -1.99 -6.70 -2.35
N SER B 358 -2.48 -7.85 -1.88
CA SER B 358 -1.68 -8.71 -1.02
C SER B 358 -0.66 -9.52 -1.83
N VAL B 359 -0.78 -9.50 -3.15
CA VAL B 359 0.31 -10.00 -4.01
C VAL B 359 0.94 -8.85 -4.76
N LEU B 360 2.14 -9.08 -5.32
CA LEU B 360 2.91 -8.01 -5.93
C LEU B 360 2.64 -7.84 -7.43
N TRP B 361 1.89 -8.78 -8.00
CA TRP B 361 1.72 -8.86 -9.45
C TRP B 361 0.30 -8.56 -9.91
N THR B 362 0.15 -8.42 -11.22
CA THR B 362 -1.16 -8.32 -11.87
C THR B 362 -1.12 -9.23 -13.09
N SER B 363 -2.09 -10.12 -13.21
CA SER B 363 -2.19 -10.94 -14.41
C SER B 363 -3.64 -11.30 -14.64
N ASN B 364 -3.88 -12.29 -15.49
CA ASN B 364 -5.27 -12.67 -15.78
C ASN B 364 -5.34 -14.07 -16.34
N SER B 365 -6.55 -14.62 -16.37
CA SER B 365 -6.83 -15.78 -17.21
C SER B 365 -7.95 -15.39 -18.18
N ILE B 366 -8.37 -16.32 -19.02
CA ILE B 366 -9.35 -16.02 -20.06
C ILE B 366 -10.51 -16.99 -20.01
N VAL B 367 -11.71 -16.47 -20.24
CA VAL B 367 -12.82 -17.34 -20.60
C VAL B 367 -13.47 -16.78 -21.85
N ALA B 368 -13.95 -17.65 -22.73
CA ALA B 368 -14.59 -17.24 -23.98
C ALA B 368 -15.84 -18.06 -24.24
N LEU B 369 -16.86 -17.40 -24.77
CA LEU B 369 -18.15 -18.04 -25.04
C LEU B 369 -18.69 -17.63 -26.40
N CYS B 370 -19.57 -18.43 -26.97
CA CYS B 370 -20.17 -18.08 -28.26
C CYS B 370 -21.68 -18.25 -28.19
N GLY B 371 -22.38 -17.66 -29.15
CA GLY B 371 -23.83 -17.67 -29.12
C GLY B 371 -24.41 -19.04 -29.37
N SER B 372 -25.58 -19.29 -28.79
CA SER B 372 -26.37 -20.47 -29.12
C SER B 372 -27.80 -20.03 -29.33
N LYS B 373 -28.51 -20.69 -30.24
CA LYS B 373 -29.94 -20.44 -30.43
C LYS B 373 -30.75 -21.20 -29.38
N GLU B 374 -30.09 -22.13 -28.70
CA GLU B 374 -30.74 -22.90 -27.65
C GLU B 374 -30.85 -22.06 -26.38
N ARG B 375 -31.69 -22.53 -25.46
CA ARG B 375 -31.79 -21.95 -24.13
C ARG B 375 -30.91 -22.74 -23.19
N LEU B 376 -29.63 -22.37 -23.09
CA LEU B 376 -28.68 -23.16 -22.31
C LEU B 376 -28.58 -22.66 -20.88
N GLY B 377 -28.47 -23.58 -19.94
CA GLY B 377 -28.21 -23.22 -18.56
C GLY B 377 -26.84 -22.59 -18.45
N SER B 378 -26.60 -21.90 -17.33
CA SER B 378 -25.32 -21.23 -17.17
C SER B 378 -24.78 -21.39 -15.76
N TRP B 379 -23.46 -21.23 -15.63
CA TRP B 379 -22.85 -21.01 -14.32
C TRP B 379 -21.68 -20.04 -14.48
N SER B 380 -21.11 -19.65 -13.35
CA SER B 380 -20.01 -18.69 -13.34
C SER B 380 -18.70 -19.32 -13.78
N TRP B 381 -18.03 -18.65 -14.71
CA TRP B 381 -16.75 -19.11 -15.24
C TRP B 381 -15.62 -18.22 -14.70
N HIS B 382 -15.58 -18.07 -13.39
CA HIS B 382 -14.56 -17.23 -12.74
C HIS B 382 -13.17 -17.85 -12.85
N ASP B 383 -12.16 -17.06 -12.51
CA ASP B 383 -10.76 -17.47 -12.66
C ASP B 383 -10.49 -18.79 -11.95
N GLY B 384 -10.86 -18.86 -10.67
CA GLY B 384 -10.76 -20.10 -9.93
C GLY B 384 -9.49 -20.32 -9.13
N ALA B 385 -8.56 -19.36 -9.19
CA ALA B 385 -7.35 -19.47 -8.35
C ALA B 385 -7.58 -18.95 -6.94
N GLU B 386 -6.87 -19.54 -5.98
CA GLU B 386 -6.90 -19.05 -4.60
C GLU B 386 -5.71 -18.14 -4.40
N ILE B 387 -5.97 -16.86 -4.18
CA ILE B 387 -4.90 -15.89 -4.02
C ILE B 387 -4.00 -16.26 -2.82
N ILE B 388 -4.58 -16.90 -1.81
CA ILE B 388 -3.79 -17.32 -0.64
C ILE B 388 -2.66 -18.27 -1.01
N TYR B 389 -2.87 -19.10 -2.03
CA TYR B 389 -1.84 -20.02 -2.49
C TYR B 389 -0.59 -19.29 -3.03
N PHE B 390 -0.77 -18.04 -3.45
CA PHE B 390 0.33 -17.23 -3.98
C PHE B 390 1.04 -16.42 -2.90
N LYS B 391 0.63 -16.61 -1.64
CA LYS B 391 1.20 -15.82 -0.56
C LYS B 391 1.91 -16.72 0.44
C1 NAG C . -0.53 -10.34 5.53
C2 NAG C . -0.81 -11.43 4.47
C3 NAG C . -1.91 -10.98 3.51
C4 NAG C . -3.14 -10.42 4.23
C5 NAG C . -2.69 -9.40 5.28
C6 NAG C . -3.83 -8.82 6.10
C7 NAG C . 1.13 -12.80 3.85
C8 NAG C . 2.26 -13.01 2.89
N2 NAG C . 0.38 -11.71 3.69
O3 NAG C . -2.30 -12.07 2.69
O4 NAG C . -3.95 -9.81 3.24
O5 NAG C . -1.76 -10.01 6.15
O6 NAG C . -4.53 -9.87 6.72
O7 NAG C . 0.91 -13.61 4.75
C1 NAG C . -5.30 -10.29 3.27
C2 NAG C . -6.19 -9.24 2.57
C3 NAG C . -7.65 -9.69 2.58
C4 NAG C . -7.78 -11.11 2.06
C5 NAG C . -6.77 -12.04 2.75
C6 NAG C . -6.84 -13.45 2.17
C7 NAG C . -5.32 -6.97 2.65
C8 NAG C . -5.21 -5.69 3.41
N2 NAG C . -6.07 -7.94 3.18
O3 NAG C . -8.38 -8.76 1.83
O4 NAG C . -9.04 -11.64 2.39
O5 NAG C . -5.45 -11.55 2.66
O6 NAG C . -6.56 -13.40 0.78
O7 NAG C . -4.74 -7.10 1.58
C1 BMA C . -10.01 -11.50 1.36
C2 BMA C . -10.96 -12.69 1.51
C3 BMA C . -12.08 -12.64 0.47
C4 BMA C . -12.76 -11.28 0.53
C5 BMA C . -11.74 -10.15 0.49
C6 BMA C . -12.49 -8.84 0.74
O2 BMA C . -11.53 -12.63 2.81
O3 BMA C . -13.02 -13.66 0.74
O4 BMA C . -13.62 -11.17 -0.58
O5 BMA C . -10.73 -10.29 1.47
O6 BMA C . -11.58 -7.80 1.05
C1 NAG D . -15.78 -2.33 30.93
C2 NAG D . -17.10 -2.56 30.20
C3 NAG D . -18.19 -3.10 31.12
C4 NAG D . -17.71 -4.29 31.94
C5 NAG D . -16.31 -4.05 32.48
C6 NAG D . -15.84 -5.38 33.05
C7 NAG D . -17.67 -1.23 28.26
C8 NAG D . -18.13 0.10 27.72
N2 NAG D . -17.54 -1.32 29.58
O3 NAG D . -19.30 -3.48 30.33
O4 NAG D . -18.53 -4.59 33.05
O5 NAG D . -15.45 -3.60 31.46
O6 NAG D . -15.40 -6.23 32.01
O7 NAG D . -17.44 -2.16 27.49
C1 NAG D . -19.56 -5.52 32.66
C2 NAG D . -19.82 -6.54 33.77
C3 NAG D . -20.95 -7.46 33.37
C4 NAG D . -22.19 -6.68 32.90
C5 NAG D . -21.78 -5.63 31.86
C6 NAG D . -22.97 -4.75 31.52
C7 NAG D . -17.91 -7.12 35.17
C8 NAG D . -16.85 -8.16 35.46
N2 NAG D . -18.62 -7.31 34.06
O3 NAG D . -21.26 -8.31 34.45
O4 NAG D . -23.09 -7.54 32.26
O5 NAG D . -20.75 -4.82 32.37
O6 NAG D . -23.33 -4.07 32.69
O7 NAG D . -18.07 -6.17 35.93
C1 BMA D . -24.11 -8.04 33.14
C2 BMA D . -25.45 -7.65 32.51
C3 BMA D . -26.60 -8.33 33.24
C4 BMA D . -26.34 -9.85 33.37
C5 BMA D . -24.95 -10.12 34.00
C6 BMA D . -24.60 -11.58 33.89
O2 BMA D . -25.48 -8.13 31.16
O3 BMA D . -27.85 -8.11 32.58
O4 BMA D . -27.34 -10.46 34.16
O5 BMA D . -23.95 -9.43 33.25
O6 BMA D . -24.75 -11.91 32.51
C1 MAN D . -24.26 -13.23 32.24
C2 MAN D . -23.88 -13.33 30.77
C3 MAN D . -25.14 -13.13 29.91
C4 MAN D . -26.23 -14.09 30.36
C5 MAN D . -26.45 -13.99 31.87
C6 MAN D . -27.45 -15.04 32.33
O2 MAN D . -23.30 -14.59 30.52
O3 MAN D . -24.90 -13.36 28.53
O4 MAN D . -27.43 -13.80 29.66
O5 MAN D . -25.23 -14.21 32.53
O6 MAN D . -27.05 -16.27 31.74
C1 MAN D . -24.08 -12.31 27.97
C2 MAN D . -24.41 -12.14 26.48
C3 MAN D . -24.00 -13.39 25.72
C4 MAN D . -22.53 -13.69 25.98
C5 MAN D . -22.31 -13.80 27.49
C6 MAN D . -20.85 -14.08 27.83
O2 MAN D . -23.72 -11.02 25.95
O3 MAN D . -24.20 -13.19 24.34
O4 MAN D . -22.12 -14.87 25.33
O5 MAN D . -22.70 -12.58 28.09
O6 MAN D . -20.70 -14.40 29.20
C1 MAN D . -27.96 -17.33 32.06
C2 MAN D . -27.38 -18.64 31.56
C3 MAN D . -27.21 -18.56 30.05
C4 MAN D . -28.56 -18.25 29.39
C5 MAN D . -29.20 -17.03 30.03
C6 MAN D . -30.62 -16.83 29.52
O2 MAN D . -28.21 -19.71 31.93
O3 MAN D . -26.70 -19.76 29.52
O4 MAN D . -28.34 -18.02 28.02
O5 MAN D . -29.23 -17.14 31.45
O6 MAN D . -31.19 -15.70 30.14
C1 NAG E . 8.92 -5.44 -5.46
C2 NAG E . 9.94 -5.79 -4.37
C3 NAG E . 10.24 -4.62 -3.42
C4 NAG E . 10.44 -3.30 -4.17
C5 NAG E . 9.34 -3.12 -5.22
C6 NAG E . 9.53 -1.85 -6.06
C7 NAG E . 9.97 -8.16 -3.75
C8 NAG E . 9.52 -9.24 -2.79
N2 NAG E . 9.50 -6.93 -3.58
O3 NAG E . 11.36 -4.92 -2.62
O4 NAG E . 10.36 -2.26 -3.20
O5 NAG E . 9.31 -4.24 -6.09
O6 NAG E . 10.78 -1.92 -6.69
O7 NAG E . 10.77 -8.43 -4.66
C1 NAG E . 11.51 -1.39 -3.23
C2 NAG E . 11.12 -0.09 -2.53
C3 NAG E . 12.31 0.89 -2.54
C4 NAG E . 13.57 0.21 -2.03
C5 NAG E . 13.80 -1.15 -2.69
C6 NAG E . 15.00 -1.88 -2.09
C7 NAG E . 8.74 0.51 -2.61
C8 NAG E . 7.65 1.18 -3.38
N2 NAG E . 9.96 0.53 -3.16
O3 NAG E . 11.94 1.99 -1.75
O4 NAG E . 14.70 0.97 -2.38
O5 NAG E . 12.64 -1.97 -2.61
O6 NAG E . 14.78 -2.12 -0.71
O7 NAG E . 8.50 -0.01 -1.53
C1 BMA E . 15.12 1.85 -1.33
C2 BMA E . 16.64 1.97 -1.45
C3 BMA E . 17.21 2.93 -0.42
C4 BMA E . 16.49 4.27 -0.58
C5 BMA E . 14.98 4.09 -0.52
C6 BMA E . 14.33 5.43 -0.81
O2 BMA E . 16.91 2.47 -2.73
O3 BMA E . 18.59 3.10 -0.65
O4 BMA E . 16.92 5.15 0.43
O5 BMA E . 14.54 3.13 -1.48
O6 BMA E . 12.94 5.25 -0.99
C1 NAG F . 10.99 11.54 -30.94
C2 NAG F . 11.93 12.55 -30.26
C3 NAG F . 12.97 13.16 -31.23
C4 NAG F . 13.64 12.05 -32.05
C5 NAG F . 12.59 11.13 -32.63
C6 NAG F . 13.31 10.03 -33.39
C7 NAG F . 11.14 13.67 -28.28
C8 NAG F . 10.56 14.91 -27.68
N2 NAG F . 11.19 13.60 -29.61
O3 NAG F . 13.91 13.88 -30.48
O4 NAG F . 14.41 12.54 -33.13
O5 NAG F . 11.79 10.59 -31.61
O6 NAG F . 13.92 9.15 -32.47
O7 NAG F . 11.55 12.76 -27.56
C1 NAG F . 15.75 12.81 -32.70
C2 NAG F . 16.75 12.44 -33.81
C3 NAG F . 18.16 12.86 -33.40
C4 NAG F . 18.21 14.31 -32.91
C5 NAG F . 17.14 14.52 -31.84
C6 NAG F . 17.13 15.98 -31.41
C7 NAG F . 16.22 10.52 -35.22
C8 NAG F . 16.52 9.07 -35.52
N2 NAG F . 16.73 11.02 -34.10
O3 NAG F . 19.04 12.64 -34.49
O4 NAG F . 19.44 14.58 -32.28
O5 NAG F . 15.87 14.17 -32.34
O6 NAG F . 16.64 16.72 -32.50
O7 NAG F . 15.51 11.17 -35.98
C1 BMA F . 20.41 15.11 -33.21
C2 BMA F . 20.82 16.48 -32.65
C3 BMA F . 22.02 17.01 -33.39
C4 BMA F . 23.14 15.97 -33.43
C5 BMA F . 22.62 14.66 -34.07
C6 BMA F . 23.64 13.57 -33.93
O2 BMA F . 21.24 16.33 -31.30
O3 BMA F . 22.50 18.21 -32.77
O4 BMA F . 24.23 16.46 -34.20
O5 BMA F . 21.48 14.22 -33.33
O6 BMA F . 23.95 13.51 -32.54
C1 MAN F . 24.80 12.39 -32.24
C2 MAN F . 24.66 12.05 -30.75
C3 MAN F . 25.19 13.21 -29.90
C4 MAN F . 26.61 13.57 -30.34
C5 MAN F . 26.66 13.81 -31.84
C6 MAN F . 28.09 14.04 -32.28
O2 MAN F . 25.36 10.85 -30.46
O3 MAN F . 25.22 12.86 -28.53
O4 MAN F . 27.06 14.72 -29.66
O5 MAN F . 26.15 12.67 -32.51
O6 MAN F . 28.86 12.99 -31.72
C1 MAN F . 23.89 12.81 -27.98
C2 MAN F . 23.94 13.19 -26.50
C3 MAN F . 24.74 12.15 -25.73
C4 MAN F . 24.17 10.76 -25.98
C5 MAN F . 24.10 10.51 -27.49
C6 MAN F . 23.46 9.16 -27.82
O2 MAN F . 22.63 13.26 -25.98
O3 MAN F . 24.69 12.43 -24.34
O4 MAN F . 24.96 9.78 -25.34
O5 MAN F . 23.33 11.52 -28.09
O6 MAN F . 23.74 8.83 -29.16
C1 MAN F . 30.27 13.18 -31.98
C2 MAN F . 31.00 11.94 -31.45
C3 MAN F . 30.83 11.84 -29.94
C4 MAN F . 31.29 13.13 -29.28
C5 MAN F . 30.66 14.37 -29.94
C6 MAN F . 31.35 15.63 -29.40
O2 MAN F . 32.37 12.04 -31.78
O3 MAN F . 31.58 10.76 -29.44
O4 MAN F . 30.94 13.15 -27.92
O5 MAN F . 30.80 14.32 -31.35
O6 MAN F . 30.82 16.76 -30.05
CA CA G . 4.19 17.00 19.23
C1 MPD H . -0.51 3.22 23.75
C2 MPD H . -0.35 3.11 22.23
O2 MPD H . -1.08 1.94 21.81
CM MPD H . -0.91 4.34 21.54
C3 MPD H . 1.11 2.93 21.86
C4 MPD H . 1.64 1.66 22.50
O4 MPD H . 0.93 0.52 22.05
C5 MPD H . 3.11 1.47 22.13
C1 GOL I . -1.08 -7.91 14.86
O1 GOL I . -1.63 -7.45 16.08
C2 GOL I . -0.54 -9.32 15.04
O2 GOL I . 0.56 -9.28 15.93
C3 GOL I . -0.04 -9.85 13.71
O3 GOL I . 0.38 -11.19 13.87
C1 MPD J . 19.75 19.42 39.94
C2 MPD J . 19.66 18.32 38.87
O2 MPD J . 19.58 18.97 37.57
CM MPD J . 20.91 17.46 38.91
C3 MPD J . 18.43 17.44 39.13
C4 MPD J . 17.56 17.04 37.94
O4 MPD J . 18.19 17.17 36.67
C5 MPD J . 17.04 15.61 38.11
CA CA K . -16.36 5.93 -19.28
C1 MPD L . -4.14 -13.62 7.70
C2 MPD L . -4.53 -14.34 6.42
O2 MPD L . -5.36 -15.48 6.76
CM MPD L . -5.39 -13.42 5.57
C3 MPD L . -3.22 -14.79 5.76
C4 MPD L . -3.28 -15.18 4.29
O4 MPD L . -3.50 -14.04 3.50
C5 MPD L . -1.95 -15.79 3.86
C1 MPD M . -8.90 -22.30 2.37
C2 MPD M . -8.04 -21.97 1.16
O2 MPD M . -8.50 -22.79 0.05
CM MPD M . -8.27 -20.51 0.81
C3 MPD M . -6.55 -22.27 1.32
C4 MPD M . -5.94 -22.26 2.72
O4 MPD M . -6.48 -23.26 3.57
C5 MPD M . -4.44 -22.51 2.59
C1 MPD N . -2.32 1.99 -23.82
C2 MPD N . -2.20 1.86 -22.31
O2 MPD N . -0.80 1.84 -21.94
CM MPD N . -2.86 3.05 -21.62
C3 MPD N . -2.84 0.56 -21.85
C4 MPD N . -2.14 -0.60 -22.54
O4 MPD N . -0.83 -0.77 -22.03
C5 MPD N . -2.92 -1.88 -22.29
C1 GOL O . 7.13 -3.80 -14.82
O1 GOL O . 7.12 -3.06 -16.01
C2 GOL O . 8.06 -5.02 -14.98
O2 GOL O . 7.37 -6.05 -15.64
C3 GOL O . 8.46 -5.53 -13.60
O3 GOL O . 9.17 -6.75 -13.77
C1 MPD P . -26.94 -5.79 -39.97
C2 MPD P . -26.02 -6.30 -38.88
O2 MPD P . -26.56 -5.86 -37.61
CM MPD P . -25.97 -7.83 -38.89
C3 MPD P . -24.60 -5.76 -39.11
C4 MPD P . -23.80 -5.25 -37.90
O4 MPD P . -24.27 -5.72 -36.65
C5 MPD P . -22.31 -5.56 -38.05
#